data_4BQ7
#
_entry.id   4BQ7
#
_cell.length_a   109.690
_cell.length_b   109.690
_cell.length_c   187.930
_cell.angle_alpha   90.00
_cell.angle_beta   90.00
_cell.angle_gamma   120.00
#
_symmetry.space_group_name_H-M   'P 32 1 2'
#
loop_
_entity.id
_entity.type
_entity.pdbx_description
1 polymer NEOGENIN
2 polymer 'RGM DOMAIN FAMILY MEMBER B'
3 polymer 'RGM DOMAIN FAMILY MEMBER B'
#
loop_
_entity_poly.entity_id
_entity_poly.type
_entity_poly.pdbx_seq_one_letter_code
_entity_poly.pdbx_strand_id
1 'polypeptide(L)'
;ETGTPMMPPVGVQASILSHDTIRITWADNSLPKHQKITDSRYYTVRWKTNIPANTKYKNANATTLSYLVTGLKPNTLYEF
SVMVTKGRRSSTWSMTAHGATFELVPTSPPKDVTVVSKEGKPRTIIVNWQPPSEANGKITGYIIYYSTDVNAEIHDWVIE
PVVGNRLTHQIQELTLDTPYYFKIQARNSKGMGPMSEAVQFRTPKADSSDKMPNDQALGSAGKGSRLPDLGSDYKPPMSG
SNSPHGSPTSPLDSNGTKHHHHHH
;
A,B
2 'polypeptide(L)'
;ETGQPAQCRIQKCTTDFVSLTSHLNSAVDGFDSEFCKALRAYAGCTQRTSKACRGNLVYHSAVLGISDLMSQRNCSKDGP
TSSTNPEVTHDPCNYHSHAGAREHRRGDQNPPSYLFCGLFGD
;
C,E
3 'polypeptide(L)'
;PHLRTFKDNFQTCKVEGAWPLIDNNYLSVQVTNVPVVPGSSATATNKITIIFKAHHGCTDQKVYQAVTDDLPAAFVDGTT
SGGDSDAKSLRIVERESGHYVEMHARYIGTTVFVRQVGRYLTLAIRMPEDLAMSYEESQDLQLCVNGCPLSERIDDGQGQ
VSAILGHSLPRTSLVQAWPGYTLETANTQCHEKMPVKDIYFQSCVFDLLTTGDANFTAAAHSALEDVEALHPRKERWHIF
PSGTKHHHHHH
;
D,F
#
# COMPACT_ATOMS: atom_id res chain seq x y z
N PRO A 5 0.23 37.60 27.16
CA PRO A 5 1.60 37.22 26.76
C PRO A 5 1.79 37.18 25.23
N MET A 6 2.51 36.14 24.72
CA MET A 6 2.81 35.89 23.30
C MET A 6 1.67 35.12 22.61
N MET A 7 1.33 35.51 21.37
CA MET A 7 0.27 34.88 20.57
C MET A 7 0.70 33.48 20.06
N PRO A 8 -0.09 32.41 20.37
CA PRO A 8 0.30 31.06 19.90
C PRO A 8 0.29 30.94 18.38
N PRO A 9 1.10 30.03 17.79
CA PRO A 9 1.05 29.84 16.33
C PRO A 9 -0.31 29.36 15.80
N VAL A 10 -0.60 29.62 14.52
CA VAL A 10 -1.88 29.25 13.88
C VAL A 10 -1.67 28.42 12.63
N GLY A 11 -2.77 27.95 12.03
CA GLY A 11 -2.77 27.17 10.79
C GLY A 11 -1.82 26.01 10.77
N VAL A 12 -1.84 25.20 11.85
CA VAL A 12 -1.01 23.99 11.97
C VAL A 12 -1.60 22.96 11.00
N GLN A 13 -0.75 22.45 10.09
CA GLN A 13 -1.15 21.48 9.07
C GLN A 13 -0.21 20.31 8.96
N ALA A 14 -0.79 19.10 8.91
CA ALA A 14 -0.05 17.84 8.82
C ALA A 14 -0.09 17.25 7.41
N SER A 15 1.08 17.21 6.75
CA SER A 15 1.24 16.66 5.41
C SER A 15 1.84 15.25 5.51
N ILE A 16 1.05 14.23 5.15
CA ILE A 16 1.45 12.81 5.21
C ILE A 16 2.39 12.47 4.06
N LEU A 17 3.57 11.98 4.39
CA LEU A 17 4.58 11.64 3.38
C LEU A 17 4.79 10.17 3.21
N SER A 18 4.65 9.36 4.30
CA SER A 18 4.83 7.90 4.29
C SER A 18 4.15 7.27 5.50
N HIS A 19 4.48 5.99 5.77
CA HIS A 19 4.02 5.21 6.91
C HIS A 19 4.65 5.68 8.24
N ASP A 20 5.74 6.47 8.20
CA ASP A 20 6.44 6.91 9.41
C ASP A 20 6.78 8.39 9.44
N THR A 21 6.39 9.13 8.41
CA THR A 21 6.77 10.53 8.26
C THR A 21 5.59 11.44 7.95
N ILE A 22 5.57 12.58 8.66
CA ILE A 22 4.57 13.65 8.51
C ILE A 22 5.29 15.00 8.62
N ARG A 23 5.08 15.92 7.64
CA ARG A 23 5.63 17.27 7.68
C ARG A 23 4.59 18.20 8.32
N ILE A 24 5.00 18.91 9.38
CA ILE A 24 4.15 19.90 10.08
C ILE A 24 4.51 21.32 9.62
N THR A 25 3.50 22.15 9.34
CA THR A 25 3.66 23.56 8.94
C THR A 25 2.67 24.40 9.73
N TRP A 26 3.04 25.67 10.04
CA TRP A 26 2.20 26.61 10.80
C TRP A 26 2.51 28.04 10.45
N ALA A 27 1.57 28.94 10.78
CA ALA A 27 1.74 30.37 10.58
C ALA A 27 1.82 31.07 11.94
N ASP A 28 2.57 32.18 11.98
CA ASP A 28 2.72 33.04 13.15
C ASP A 28 2.13 34.40 12.75
N ASN A 29 1.04 34.82 13.43
CA ASN A 29 0.36 36.09 13.17
C ASN A 29 1.18 37.31 13.58
N SER A 30 2.03 37.13 14.60
CA SER A 30 2.96 38.11 15.15
C SER A 30 4.03 38.46 14.10
N LEU A 31 4.22 37.56 13.13
CA LEU A 31 5.20 37.67 12.05
C LEU A 31 4.68 38.43 10.83
N PRO A 32 5.57 39.14 10.10
CA PRO A 32 5.12 39.89 8.92
C PRO A 32 4.66 38.97 7.78
N LYS A 33 3.92 39.59 6.81
CA LYS A 33 3.32 39.11 5.57
C LYS A 33 4.26 38.28 4.74
N HIS A 34 4.10 37.03 5.06
CA HIS A 34 4.64 35.76 4.59
C HIS A 34 6.14 35.61 4.27
N GLN A 35 6.99 35.08 5.19
CA GLN A 35 6.80 34.68 6.59
C GLN A 35 8.22 34.72 7.22
N LYS A 36 8.77 35.94 7.30
CA LYS A 36 10.15 36.26 7.72
C LYS A 36 10.45 36.41 9.22
N ILE A 37 11.37 35.54 9.74
CA ILE A 37 11.85 35.59 11.13
C ILE A 37 13.05 36.54 11.16
N THR A 38 12.93 37.64 11.91
CA THR A 38 13.95 38.70 12.02
C THR A 38 14.43 38.93 13.47
N ASP A 39 14.11 37.98 14.37
CA ASP A 39 14.46 37.99 15.79
C ASP A 39 14.89 36.59 16.28
N SER A 40 15.28 36.46 17.57
CA SER A 40 15.77 35.22 18.19
C SER A 40 14.70 34.18 18.60
N ARG A 41 13.48 34.27 18.02
CA ARG A 41 12.41 33.34 18.34
C ARG A 41 12.63 31.94 17.80
N TYR A 42 12.13 30.95 18.54
CA TYR A 42 12.16 29.55 18.14
C TYR A 42 10.83 28.89 18.48
N TYR A 43 10.47 27.86 17.71
CA TYR A 43 9.21 27.14 17.88
C TYR A 43 9.44 25.77 18.52
N THR A 44 8.41 25.25 19.21
CA THR A 44 8.44 23.91 19.78
C THR A 44 7.24 23.14 19.24
N VAL A 45 7.51 22.01 18.59
CA VAL A 45 6.46 21.13 18.06
C VAL A 45 6.34 19.95 19.03
N ARG A 46 5.11 19.59 19.40
CA ARG A 46 4.81 18.44 20.25
C ARG A 46 3.85 17.49 19.53
N TRP A 47 4.05 16.17 19.74
CA TRP A 47 3.23 15.12 19.11
C TRP A 47 3.17 13.87 19.95
N LYS A 48 2.06 13.14 19.80
CA LYS A 48 1.78 11.83 20.42
C LYS A 48 0.57 11.21 19.74
N THR A 49 0.35 9.93 20.01
CA THR A 49 -0.80 9.14 19.60
C THR A 49 -1.37 8.53 20.89
N ASN A 50 -2.41 7.70 20.81
CA ASN A 50 -3.05 7.12 21.99
C ASN A 50 -2.69 5.68 22.26
N ILE A 51 -1.72 5.16 21.49
CA ILE A 51 -1.24 3.78 21.53
C ILE A 51 0.28 3.74 21.72
N PRO A 52 0.81 3.01 22.74
CA PRO A 52 0.11 2.26 23.81
C PRO A 52 -0.47 3.22 24.87
N ALA A 53 -1.05 2.69 25.98
CA ALA A 53 -1.58 3.55 27.05
C ALA A 53 -0.51 4.46 27.67
N ASN A 54 -0.93 5.64 28.16
CA ASN A 54 -0.11 6.60 28.91
C ASN A 54 1.16 7.11 28.24
N THR A 55 1.16 7.31 26.91
CA THR A 55 2.36 7.85 26.28
C THR A 55 2.46 9.33 26.65
N LYS A 56 3.68 9.86 26.55
CA LYS A 56 3.98 11.26 26.82
C LYS A 56 4.21 11.88 25.44
N TYR A 57 4.07 13.20 25.37
CA TYR A 57 4.34 13.98 24.17
C TYR A 57 5.83 13.93 23.83
N LYS A 58 6.15 13.89 22.52
CA LYS A 58 7.50 14.02 22.02
C LYS A 58 7.57 15.49 21.62
N ASN A 59 8.75 16.12 21.78
CA ASN A 59 8.97 17.55 21.49
C ASN A 59 10.15 17.73 20.57
N ALA A 60 10.18 18.87 19.88
CA ALA A 60 11.25 19.27 18.96
C ALA A 60 11.24 20.76 18.74
N ASN A 61 12.42 21.38 18.80
CA ASN A 61 12.54 22.80 18.52
C ASN A 61 12.76 22.97 17.03
N ALA A 62 12.20 24.04 16.48
CA ALA A 62 12.30 24.37 15.07
C ALA A 62 12.72 25.83 14.93
N THR A 63 13.73 26.08 14.08
CA THR A 63 14.27 27.42 13.82
C THR A 63 13.35 28.26 12.91
N THR A 64 12.55 27.56 12.04
CA THR A 64 11.60 28.16 11.09
C THR A 64 10.17 27.66 11.30
N LEU A 65 9.27 27.95 10.33
CA LEU A 65 7.86 27.61 10.42
C LEU A 65 7.42 26.25 9.82
N SER A 66 8.32 25.25 9.91
CA SER A 66 8.07 23.88 9.47
C SER A 66 8.92 22.89 10.22
N TYR A 67 8.42 21.65 10.34
CA TYR A 67 9.14 20.57 11.01
C TYR A 67 8.73 19.20 10.45
N LEU A 68 9.74 18.39 10.10
CA LEU A 68 9.50 17.04 9.59
C LEU A 68 9.58 16.04 10.74
N VAL A 69 8.44 15.38 11.05
CA VAL A 69 8.34 14.39 12.12
C VAL A 69 8.58 12.99 11.51
N THR A 70 9.61 12.27 12.00
CA THR A 70 9.98 10.93 11.54
C THR A 70 9.81 9.85 12.66
N GLY A 71 10.04 8.58 12.30
CA GLY A 71 9.95 7.42 13.19
C GLY A 71 8.58 7.13 13.79
N LEU A 72 7.50 7.52 13.07
CA LEU A 72 6.11 7.30 13.50
C LEU A 72 5.64 5.87 13.20
N LYS A 73 4.58 5.41 13.88
CA LYS A 73 4.04 4.05 13.64
C LYS A 73 3.19 4.08 12.35
N PRO A 74 3.14 2.99 11.55
CA PRO A 74 2.26 2.99 10.37
C PRO A 74 0.77 2.94 10.74
N ASN A 75 -0.09 3.50 9.85
CA ASN A 75 -1.55 3.55 9.98
C ASN A 75 -2.02 4.03 11.40
N THR A 76 -1.36 5.09 11.91
CA THR A 76 -1.61 5.64 13.23
C THR A 76 -1.97 7.11 13.19
N LEU A 77 -2.98 7.47 14.02
CA LEU A 77 -3.44 8.83 14.15
C LEU A 77 -2.66 9.55 15.25
N TYR A 78 -1.98 10.63 14.85
CA TYR A 78 -1.17 11.49 15.71
C TYR A 78 -1.77 12.87 15.88
N GLU A 79 -1.51 13.52 17.01
CA GLU A 79 -1.94 14.90 17.27
C GLU A 79 -0.69 15.79 17.28
N PHE A 80 -0.80 17.01 16.75
CA PHE A 80 0.30 17.96 16.66
C PHE A 80 -0.14 19.37 17.04
N SER A 81 0.69 20.04 17.87
CA SER A 81 0.51 21.43 18.30
C SER A 81 1.85 22.14 18.38
N VAL A 82 1.84 23.46 18.13
CA VAL A 82 3.04 24.31 18.09
C VAL A 82 2.97 25.48 19.10
N MET A 83 4.12 25.90 19.62
CA MET A 83 4.28 27.04 20.53
C MET A 83 5.53 27.80 20.12
N VAL A 84 5.60 29.10 20.48
CA VAL A 84 6.72 29.97 20.15
C VAL A 84 7.35 30.49 21.45
N THR A 85 8.66 30.70 21.44
CA THR A 85 9.46 31.23 22.54
C THR A 85 10.43 32.28 21.99
N LYS A 86 10.73 33.31 22.79
CA LYS A 86 11.66 34.40 22.51
C LYS A 86 12.29 34.83 23.83
N GLY A 87 13.36 34.12 24.21
CA GLY A 87 14.10 34.33 25.45
C GLY A 87 13.26 34.11 26.69
N ARG A 88 12.58 35.19 27.13
CA ARG A 88 11.71 35.23 28.30
C ARG A 88 10.25 35.02 27.92
N ARG A 89 9.84 35.51 26.73
CA ARG A 89 8.46 35.39 26.25
C ARG A 89 8.15 33.98 25.70
N SER A 90 7.01 33.41 26.11
CA SER A 90 6.57 32.13 25.60
C SER A 90 5.06 32.08 25.44
N SER A 91 4.60 31.57 24.29
CA SER A 91 3.17 31.45 23.99
C SER A 91 2.64 30.11 24.52
N THR A 92 1.31 29.94 24.44
CA THR A 92 0.65 28.69 24.80
C THR A 92 0.69 27.79 23.56
N TRP A 93 0.26 26.53 23.72
CA TRP A 93 0.16 25.57 22.64
C TRP A 93 -1.01 25.94 21.75
N SER A 94 -0.78 25.91 20.44
CA SER A 94 -1.76 26.21 19.38
C SER A 94 -2.91 25.22 19.40
N MET A 95 -3.91 25.45 18.51
CA MET A 95 -5.01 24.52 18.32
C MET A 95 -4.35 23.27 17.73
N THR A 96 -4.81 22.09 18.13
CA THR A 96 -4.22 20.87 17.63
C THR A 96 -4.70 20.52 16.23
N ALA A 97 -3.78 19.93 15.45
CA ALA A 97 -4.03 19.38 14.13
C ALA A 97 -3.74 17.86 14.22
N HIS A 98 -4.43 17.07 13.40
CA HIS A 98 -4.24 15.63 13.38
C HIS A 98 -3.72 15.16 12.03
N GLY A 99 -3.09 14.00 12.02
CA GLY A 99 -2.55 13.37 10.84
C GLY A 99 -2.35 11.89 11.06
N ALA A 100 -2.89 11.06 10.16
CA ALA A 100 -2.75 9.60 10.19
C ALA A 100 -1.69 9.14 9.16
N THR A 101 -0.69 8.35 9.60
CA THR A 101 0.37 7.85 8.73
C THR A 101 -0.19 6.79 7.74
N PHE A 102 0.53 6.57 6.61
CA PHE A 102 0.14 5.56 5.62
C PHE A 102 0.35 4.13 6.16
N GLU A 103 -0.21 3.14 5.47
CA GLU A 103 -0.03 1.73 5.85
C GLU A 103 1.36 1.22 5.44
N LEU A 104 1.77 0.14 6.05
CA LEU A 104 3.00 -0.57 5.74
C LEU A 104 2.61 -2.06 5.79
N VAL A 105 3.30 -2.33 5.25
CA VAL A 105 3.14 -3.78 5.17
C VAL A 105 3.17 -4.34 6.64
N PRO A 106 2.40 -5.38 7.06
CA PRO A 106 2.56 -5.85 8.45
C PRO A 106 4.02 -6.23 8.71
N THR A 107 4.53 -5.97 9.93
CA THR A 107 5.96 -6.22 10.22
C THR A 107 6.15 -7.31 11.25
N SER A 108 5.06 -7.90 11.68
CA SER A 108 5.12 -8.98 12.67
C SER A 108 4.13 -10.09 12.26
N PRO A 109 4.33 -11.35 12.70
CA PRO A 109 3.41 -12.39 12.27
C PRO A 109 2.10 -12.53 13.11
N PRO A 110 1.08 -13.30 12.60
CA PRO A 110 -0.10 -13.62 13.43
C PRO A 110 0.39 -14.33 14.69
N LYS A 111 -0.35 -14.21 15.80
CA LYS A 111 0.12 -14.75 17.07
C LYS A 111 -0.76 -15.83 17.57
N ASP A 112 -0.30 -16.55 18.62
CA ASP A 112 -1.08 -17.58 19.35
C ASP A 112 -1.74 -18.63 18.46
N VAL A 113 -1.04 -19.06 17.39
CA VAL A 113 -1.50 -20.10 16.46
C VAL A 113 -1.80 -21.40 17.26
N THR A 114 -3.09 -21.74 17.27
CA THR A 114 -3.66 -22.87 18.00
C THR A 114 -4.40 -23.75 16.99
N VAL A 115 -4.11 -25.06 17.05
CA VAL A 115 -4.74 -26.04 16.15
C VAL A 115 -5.45 -27.09 16.99
N VAL A 116 -6.74 -27.31 16.73
CA VAL A 116 -7.58 -28.28 17.45
C VAL A 116 -8.33 -29.21 16.51
N SER A 117 -8.74 -30.37 17.02
CA SER A 117 -9.51 -31.33 16.26
C SER A 117 -10.99 -30.94 16.40
N LYS A 118 -11.73 -30.90 15.30
CA LYS A 118 -13.16 -30.57 15.37
C LYS A 118 -13.92 -31.71 16.07
N GLU A 119 -14.82 -31.35 17.02
CA GLU A 119 -15.62 -32.29 17.80
C GLU A 119 -16.51 -33.13 16.85
N GLY A 120 -16.40 -34.46 16.97
CA GLY A 120 -17.14 -35.41 16.16
C GLY A 120 -16.63 -35.60 14.74
N LYS A 121 -15.67 -34.76 14.30
CA LYS A 121 -15.11 -34.77 12.94
C LYS A 121 -13.59 -34.79 13.05
N PRO A 122 -12.95 -35.95 13.38
CA PRO A 122 -11.50 -35.96 13.59
C PRO A 122 -10.61 -35.75 12.35
N ARG A 123 -11.22 -35.75 11.13
CA ARG A 123 -10.49 -35.47 9.90
C ARG A 123 -10.53 -33.97 9.55
N THR A 124 -11.18 -33.19 10.41
CA THR A 124 -11.29 -31.73 10.34
C THR A 124 -10.51 -31.11 11.50
N ILE A 125 -9.71 -30.08 11.18
CA ILE A 125 -8.99 -29.33 12.18
C ILE A 125 -9.55 -27.90 12.16
N ILE A 126 -9.47 -27.24 13.30
CA ILE A 126 -9.83 -25.83 13.43
C ILE A 126 -8.52 -25.09 13.75
N VAL A 127 -8.18 -24.05 12.96
CA VAL A 127 -7.00 -23.21 13.19
C VAL A 127 -7.54 -21.91 13.77
N ASN A 128 -7.03 -21.52 14.95
CA ASN A 128 -7.40 -20.30 15.63
C ASN A 128 -6.17 -19.45 15.88
N TRP A 129 -6.28 -18.15 15.70
CA TRP A 129 -5.13 -17.28 15.90
C TRP A 129 -5.52 -15.89 16.39
N GLN A 130 -4.51 -15.06 16.64
CA GLN A 130 -4.63 -13.68 17.06
C GLN A 130 -3.96 -12.81 16.01
N PRO A 131 -4.39 -11.56 15.81
CA PRO A 131 -3.74 -10.72 14.78
C PRO A 131 -2.25 -10.42 15.07
N PRO A 132 -1.49 -9.96 14.05
CA PRO A 132 -0.13 -9.47 14.35
C PRO A 132 -0.24 -8.26 15.26
N SER A 133 0.71 -8.11 16.19
CA SER A 133 0.71 -6.94 17.08
C SER A 133 1.10 -5.71 16.23
N GLU A 134 1.83 -5.94 15.09
CA GLU A 134 2.22 -4.89 14.14
C GLU A 134 1.53 -5.09 12.79
N ALA A 135 0.18 -4.99 12.81
CA ALA A 135 -0.68 -5.10 11.65
C ALA A 135 -0.39 -3.94 10.68
N ASN A 136 -0.13 -2.71 11.21
CA ASN A 136 0.24 -1.49 10.44
C ASN A 136 -0.79 -1.03 9.40
N GLY A 137 -2.02 -1.48 9.58
CA GLY A 137 -3.13 -1.17 8.69
C GLY A 137 -4.23 -2.18 8.83
N LYS A 138 -5.34 -1.94 8.16
CA LYS A 138 -6.48 -2.85 8.15
C LYS A 138 -6.09 -4.19 7.49
N ILE A 139 -6.17 -5.27 8.23
CA ILE A 139 -5.91 -6.62 7.74
C ILE A 139 -7.02 -6.98 6.80
N THR A 140 -6.65 -7.29 5.54
CA THR A 140 -7.57 -7.61 4.45
C THR A 140 -7.68 -9.11 4.19
N GLY A 141 -6.79 -9.88 4.84
CA GLY A 141 -6.74 -11.33 4.73
C GLY A 141 -5.60 -11.96 5.50
N TYR A 142 -5.63 -13.28 5.58
CA TYR A 142 -4.58 -14.12 6.14
C TYR A 142 -4.35 -15.24 5.15
N ILE A 143 -3.18 -15.86 5.23
CA ILE A 143 -2.87 -17.03 4.42
C ILE A 143 -2.45 -18.13 5.39
N ILE A 144 -3.15 -19.26 5.38
CA ILE A 144 -2.73 -20.42 6.19
C ILE A 144 -1.99 -21.39 5.26
N TYR A 145 -0.77 -21.79 5.64
CA TYR A 145 0.04 -22.78 4.94
C TYR A 145 0.08 -24.00 5.83
N TYR A 146 -0.12 -25.17 5.26
CA TYR A 146 -0.02 -26.41 6.03
C TYR A 146 0.66 -27.53 5.23
N SER A 147 1.31 -28.44 5.94
CA SER A 147 2.00 -29.58 5.32
C SER A 147 2.10 -30.74 6.27
N THR A 148 2.30 -31.97 5.71
CA THR A 148 2.55 -33.19 6.45
C THR A 148 4.08 -33.33 6.53
N ASP A 149 4.75 -32.59 5.65
CA ASP A 149 6.20 -32.53 5.58
C ASP A 149 6.75 -31.21 6.16
N VAL A 150 7.40 -31.34 7.31
CA VAL A 150 8.04 -30.27 8.07
C VAL A 150 9.24 -29.68 7.27
N ASN A 151 9.87 -30.48 6.38
CA ASN A 151 11.02 -30.04 5.58
C ASN A 151 10.70 -29.63 4.17
N ALA A 152 9.41 -29.68 3.78
CA ALA A 152 8.99 -29.26 2.44
C ALA A 152 9.25 -27.77 2.24
N GLU A 153 9.67 -27.40 1.02
CA GLU A 153 9.89 -26.01 0.65
C GLU A 153 8.53 -25.29 0.65
N ILE A 154 8.52 -24.02 1.08
CA ILE A 154 7.28 -23.22 1.25
C ILE A 154 6.26 -23.27 0.09
N HIS A 155 6.74 -23.29 -1.16
CA HIS A 155 5.89 -23.40 -2.35
C HIS A 155 5.19 -24.75 -2.48
N ASP A 156 5.65 -25.76 -1.72
CA ASP A 156 5.07 -27.11 -1.74
C ASP A 156 4.00 -27.32 -0.63
N TRP A 157 3.78 -26.29 0.23
CA TRP A 157 2.81 -26.33 1.31
C TRP A 157 1.43 -26.00 0.75
N VAL A 158 0.37 -26.61 1.31
CA VAL A 158 -1.01 -26.37 0.88
C VAL A 158 -1.39 -24.97 1.33
N ILE A 159 -1.95 -24.16 0.41
CA ILE A 159 -2.35 -22.79 0.70
C ILE A 159 -3.85 -22.69 0.97
N GLU A 160 -4.21 -21.97 2.02
CA GLU A 160 -5.58 -21.77 2.43
C GLU A 160 -5.84 -20.28 2.69
N PRO A 161 -6.17 -19.47 1.65
CA PRO A 161 -6.46 -18.03 1.89
C PRO A 161 -7.73 -17.84 2.71
N VAL A 162 -7.77 -16.78 3.52
CA VAL A 162 -8.82 -16.50 4.49
C VAL A 162 -9.07 -14.99 4.60
N VAL A 163 -10.32 -14.57 4.94
CA VAL A 163 -10.70 -13.17 5.17
C VAL A 163 -9.90 -12.54 6.35
N GLY A 164 -9.74 -11.22 6.36
CA GLY A 164 -8.95 -10.55 7.39
C GLY A 164 -9.70 -10.19 8.65
N ASN A 165 -11.01 -10.32 8.62
CA ASN A 165 -11.85 -9.98 9.77
C ASN A 165 -12.31 -11.23 10.54
N ARG A 166 -11.59 -12.36 10.32
CA ARG A 166 -11.84 -13.63 11.01
C ARG A 166 -10.56 -14.21 11.56
N LEU A 167 -10.67 -14.87 12.71
CA LEU A 167 -9.51 -15.45 13.41
C LEU A 167 -9.64 -16.95 13.70
N THR A 168 -10.47 -17.62 12.93
CA THR A 168 -10.74 -19.06 13.00
C THR A 168 -11.01 -19.61 11.59
N HIS A 169 -10.49 -20.81 11.30
CA HIS A 169 -10.69 -21.43 10.00
C HIS A 169 -10.71 -22.95 10.12
N GLN A 170 -11.53 -23.61 9.30
CA GLN A 170 -11.64 -25.09 9.34
C GLN A 170 -11.09 -25.76 8.10
N ILE A 171 -10.26 -26.80 8.27
CA ILE A 171 -9.68 -27.55 7.16
C ILE A 171 -10.11 -29.01 7.26
N GLN A 172 -10.84 -29.45 6.24
CA GLN A 172 -11.42 -30.78 6.14
C GLN A 172 -10.57 -31.75 5.34
N GLU A 173 -10.94 -33.05 5.40
CA GLU A 173 -10.35 -34.15 4.61
C GLU A 173 -8.89 -34.43 4.93
N LEU A 174 -8.52 -34.29 6.21
CA LEU A 174 -7.13 -34.55 6.59
C LEU A 174 -6.97 -36.00 7.01
N THR A 175 -5.73 -36.49 7.04
CA THR A 175 -5.43 -37.86 7.43
C THR A 175 -5.33 -37.96 8.97
N LEU A 176 -5.93 -39.01 9.53
CA LEU A 176 -5.94 -39.29 10.96
C LEU A 176 -4.56 -39.78 11.41
N ASP A 177 -4.27 -39.68 12.73
CA ASP A 177 -3.01 -40.06 13.37
C ASP A 177 -1.75 -39.59 12.59
N THR A 178 -1.83 -38.36 12.04
CA THR A 178 -0.80 -37.75 11.22
C THR A 178 -0.36 -36.37 11.72
N PRO A 179 0.96 -36.16 11.90
CA PRO A 179 1.46 -34.81 12.23
C PRO A 179 1.28 -33.81 11.06
N TYR A 180 0.71 -32.64 11.35
CA TYR A 180 0.55 -31.54 10.39
C TYR A 180 1.27 -30.31 11.00
N TYR A 181 1.75 -29.41 10.14
CA TYR A 181 2.49 -28.18 10.49
C TYR A 181 1.79 -27.04 9.82
N PHE A 182 1.59 -25.96 10.58
CA PHE A 182 0.83 -24.78 10.20
C PHE A 182 1.61 -23.50 10.37
N LYS A 183 1.51 -22.62 9.36
CA LYS A 183 2.10 -21.27 9.37
C LYS A 183 1.04 -20.31 8.87
N ILE A 184 1.00 -19.10 9.42
CA ILE A 184 0.00 -18.10 8.99
C ILE A 184 0.72 -16.81 8.71
N GLN A 185 0.22 -16.03 7.75
CA GLN A 185 0.74 -14.70 7.52
C GLN A 185 -0.42 -13.72 7.32
N ALA A 186 -0.24 -12.46 7.75
CA ALA A 186 -1.29 -11.46 7.54
C ALA A 186 -1.00 -10.67 6.30
N ARG A 187 -2.06 -10.04 5.76
CA ARG A 187 -1.91 -9.15 4.62
C ARG A 187 -2.75 -7.92 4.78
N ASN A 188 -2.26 -6.81 4.25
CA ASN A 188 -2.98 -5.55 4.25
C ASN A 188 -2.86 -4.89 2.84
N SER A 189 -3.37 -3.67 2.65
CA SER A 189 -3.32 -2.99 1.35
C SER A 189 -1.88 -2.77 0.84
N LYS A 190 -0.89 -2.86 1.75
CA LYS A 190 0.52 -2.67 1.40
C LYS A 190 1.26 -3.97 1.07
N GLY A 191 0.67 -5.12 1.39
CA GLY A 191 1.28 -6.41 1.10
C GLY A 191 1.28 -7.43 2.23
N MET A 192 2.16 -8.42 2.12
CA MET A 192 2.30 -9.55 3.04
C MET A 192 3.21 -9.28 4.20
N GLY A 193 2.77 -9.70 5.36
CA GLY A 193 3.60 -9.62 6.57
C GLY A 193 4.42 -10.89 6.71
N PRO A 194 5.22 -11.02 7.79
CA PRO A 194 6.01 -12.24 7.92
C PRO A 194 5.15 -13.41 8.35
N MET A 195 5.68 -14.62 8.14
CA MET A 195 4.97 -15.84 8.52
C MET A 195 5.27 -16.20 9.94
N SER A 196 4.29 -16.79 10.64
CA SER A 196 4.51 -17.27 11.99
C SER A 196 5.34 -18.54 11.91
N GLU A 197 6.09 -18.85 12.97
CA GLU A 197 6.90 -20.08 13.01
C GLU A 197 5.98 -21.30 13.06
N ALA A 198 6.29 -22.33 12.28
CA ALA A 198 5.42 -23.51 12.19
C ALA A 198 5.00 -24.07 13.53
N VAL A 199 3.71 -24.42 13.63
CA VAL A 199 3.10 -25.05 14.80
C VAL A 199 2.78 -26.49 14.38
N GLN A 200 3.09 -27.47 15.22
CA GLN A 200 2.75 -28.89 14.92
C GLN A 200 1.46 -29.33 15.60
N PHE A 201 0.63 -30.10 14.87
CA PHE A 201 -0.58 -30.73 15.40
C PHE A 201 -0.73 -32.12 14.81
N ARG A 202 -0.76 -33.15 15.65
CA ARG A 202 -0.96 -34.52 15.21
C ARG A 202 -2.47 -34.79 15.30
N THR A 203 -3.09 -35.21 14.17
CA THR A 203 -4.52 -35.49 14.16
C THR A 203 -4.81 -36.69 15.02
N PRO A 204 -6.04 -36.79 15.59
CA PRO A 204 -6.35 -37.96 16.43
C PRO A 204 -6.50 -39.28 15.66
N LYS A 205 -6.55 -40.41 16.40
CA LYS A 205 -6.83 -41.70 15.78
C LYS A 205 -8.18 -42.23 16.33
N ALA A 206 -8.57 -43.42 15.88
CA ALA A 206 -9.83 -44.04 16.27
C ALA A 206 -9.66 -44.81 17.57
N PRO B 5 30.69 -27.23 -36.40
CA PRO B 5 31.56 -26.06 -36.59
C PRO B 5 32.39 -25.71 -35.35
N MET B 6 32.50 -24.39 -35.02
CA MET B 6 33.24 -23.83 -33.87
C MET B 6 32.35 -23.80 -32.62
N MET B 7 32.93 -24.15 -31.44
CA MET B 7 32.23 -24.18 -30.14
C MET B 7 31.95 -22.74 -29.63
N PRO B 8 30.67 -22.40 -29.34
CA PRO B 8 30.37 -21.04 -28.86
C PRO B 8 31.01 -20.74 -27.50
N PRO B 9 31.30 -19.46 -27.17
CA PRO B 9 31.85 -19.14 -25.84
C PRO B 9 30.90 -19.50 -24.68
N VAL B 10 31.45 -19.71 -23.48
CA VAL B 10 30.68 -20.10 -22.27
C VAL B 10 30.95 -19.13 -21.12
N GLY B 11 30.23 -19.34 -20.01
CA GLY B 11 30.34 -18.57 -18.78
C GLY B 11 30.32 -17.06 -18.97
N VAL B 12 29.34 -16.58 -19.75
CA VAL B 12 29.13 -15.15 -20.00
C VAL B 12 28.61 -14.54 -18.69
N GLN B 13 29.30 -13.52 -18.18
CA GLN B 13 28.95 -12.85 -16.92
C GLN B 13 28.96 -11.35 -17.03
N ALA B 14 27.90 -10.72 -16.49
CA ALA B 14 27.70 -9.26 -16.51
C ALA B 14 28.01 -8.64 -15.15
N SER B 15 29.08 -7.83 -15.09
CA SER B 15 29.50 -7.12 -13.89
C SER B 15 29.03 -5.65 -13.98
N ILE B 16 28.09 -5.27 -13.11
CA ILE B 16 27.51 -3.91 -13.07
C ILE B 16 28.48 -2.94 -12.43
N LEU B 17 28.83 -1.88 -13.16
CA LEU B 17 29.78 -0.89 -12.67
C LEU B 17 29.16 0.43 -12.33
N SER B 18 28.09 0.84 -13.06
CA SER B 18 27.37 2.11 -12.86
C SER B 18 25.99 2.06 -13.50
N HIS B 19 25.34 3.23 -13.63
CA HIS B 19 24.04 3.43 -14.28
C HIS B 19 24.11 3.26 -15.80
N ASP B 20 25.32 3.28 -16.41
CA ASP B 20 25.46 3.17 -17.86
C ASP B 20 26.54 2.20 -18.32
N THR B 21 27.19 1.52 -17.39
CA THR B 21 28.32 0.64 -17.70
C THR B 21 28.21 -0.73 -17.08
N ILE B 22 28.50 -1.74 -17.89
CA ILE B 22 28.53 -3.16 -17.52
C ILE B 22 29.74 -3.83 -18.20
N ARG B 23 30.58 -4.55 -17.42
CA ARG B 23 31.72 -5.30 -17.97
C ARG B 23 31.26 -6.75 -18.23
N ILE B 24 31.45 -7.21 -19.46
CA ILE B 24 31.11 -8.58 -19.88
C ILE B 24 32.39 -9.44 -19.93
N THR B 25 32.33 -10.66 -19.37
CA THR B 25 33.43 -11.63 -19.37
C THR B 25 32.89 -13.00 -19.78
N TRP B 26 33.71 -13.81 -20.45
CA TRP B 26 33.34 -15.16 -20.91
C TRP B 26 34.54 -16.08 -21.03
N ALA B 27 34.27 -17.40 -21.07
CA ALA B 27 35.30 -18.40 -21.23
C ALA B 27 35.13 -19.09 -22.58
N ASP B 28 36.25 -19.53 -23.16
CA ASP B 28 36.30 -20.28 -24.42
C ASP B 28 36.87 -21.66 -24.07
N ASN B 29 36.06 -22.73 -24.24
CA ASN B 29 36.46 -24.11 -23.95
C ASN B 29 37.53 -24.65 -24.92
N SER B 30 37.51 -24.13 -26.15
CA SER B 30 38.44 -24.43 -27.23
C SER B 30 39.84 -23.94 -26.87
N LEU B 31 39.92 -22.98 -25.94
CA LEU B 31 41.14 -22.33 -25.46
C LEU B 31 41.80 -23.09 -24.31
N PRO B 32 43.16 -23.05 -24.21
CA PRO B 32 43.84 -23.74 -23.10
C PRO B 32 43.53 -23.13 -21.73
N LYS B 33 43.84 -23.95 -20.67
CA LYS B 33 43.76 -23.75 -19.22
C LYS B 33 44.30 -22.43 -18.77
N HIS B 34 43.31 -21.57 -18.73
CA HIS B 34 43.16 -20.18 -18.32
C HIS B 34 44.24 -19.13 -18.68
N GLN B 35 44.06 -18.32 -19.77
CA GLN B 35 43.05 -18.30 -20.85
C GLN B 35 43.72 -17.58 -22.03
N LYS B 36 44.77 -18.23 -22.59
CA LYS B 36 45.67 -17.72 -23.63
C LYS B 36 45.25 -17.85 -25.11
N ILE B 37 45.12 -16.69 -25.81
CA ILE B 37 44.82 -16.62 -27.24
C ILE B 37 46.16 -16.68 -27.98
N THR B 38 46.36 -17.73 -28.80
CA THR B 38 47.59 -17.98 -29.55
C THR B 38 47.37 -18.06 -31.08
N ASP B 39 46.18 -17.61 -31.55
CA ASP B 39 45.75 -17.61 -32.95
C ASP B 39 45.01 -16.30 -33.29
N SER B 40 44.59 -16.14 -34.57
CA SER B 40 43.91 -14.94 -35.10
C SER B 40 42.39 -14.81 -34.78
N ARG B 41 41.91 -15.52 -33.74
CA ARG B 41 40.50 -15.46 -33.36
C ARG B 41 40.10 -14.15 -32.72
N TYR B 42 38.85 -13.76 -32.96
CA TYR B 42 38.26 -12.56 -32.36
C TYR B 42 36.82 -12.88 -31.93
N TYR B 43 36.35 -12.17 -30.90
CA TYR B 43 35.01 -12.36 -30.35
C TYR B 43 34.08 -11.23 -30.74
N THR B 44 32.77 -11.51 -30.79
CA THR B 44 31.75 -10.51 -31.05
C THR B 44 30.76 -10.54 -29.88
N VAL B 45 30.58 -9.39 -29.23
CA VAL B 45 29.62 -9.24 -28.13
C VAL B 45 28.41 -8.51 -28.70
N ARG B 46 27.21 -9.01 -28.40
CA ARG B 46 25.95 -8.37 -28.78
C ARG B 46 25.09 -8.09 -27.54
N TRP B 47 24.37 -6.96 -27.56
CA TRP B 47 23.51 -6.53 -26.46
C TRP B 47 22.35 -5.68 -26.91
N LYS B 48 21.26 -5.74 -26.15
CA LYS B 48 20.02 -4.94 -26.33
C LYS B 48 19.17 -5.07 -25.06
N THR B 49 18.16 -4.23 -24.96
CA THR B 49 17.13 -4.22 -23.93
C THR B 49 15.78 -4.25 -24.69
N ASN B 50 14.66 -4.19 -23.99
CA ASN B 50 13.34 -4.27 -24.63
C ASN B 50 12.62 -2.95 -24.75
N ILE B 51 13.33 -1.85 -24.41
CA ILE B 51 12.83 -0.48 -24.39
C ILE B 51 13.75 0.44 -25.25
N PRO B 52 13.21 1.19 -26.24
CA PRO B 52 11.81 1.22 -26.72
C PRO B 52 11.46 -0.02 -27.56
N ALA B 53 10.25 -0.09 -28.16
CA ALA B 53 9.90 -1.23 -29.02
C ALA B 53 10.84 -1.40 -30.22
N ASN B 54 11.01 -2.65 -30.68
CA ASN B 54 11.77 -3.03 -31.88
C ASN B 54 13.21 -2.59 -31.96
N THR B 55 13.94 -2.56 -30.84
CA THR B 55 15.36 -2.22 -30.94
C THR B 55 16.11 -3.38 -31.60
N LYS B 56 17.28 -3.05 -32.16
CA LYS B 56 18.16 -4.03 -32.78
C LYS B 56 19.32 -4.21 -31.81
N TYR B 57 20.02 -5.33 -31.94
CA TYR B 57 21.21 -5.64 -31.15
C TYR B 57 22.35 -4.66 -31.51
N LYS B 58 23.14 -4.27 -30.50
CA LYS B 58 24.36 -3.50 -30.70
C LYS B 58 25.45 -4.58 -30.67
N ASN B 59 26.52 -4.41 -31.45
CA ASN B 59 27.63 -5.36 -31.57
C ASN B 59 28.95 -4.69 -31.33
N ALA B 60 29.96 -5.49 -30.96
CA ALA B 60 31.32 -5.04 -30.72
C ALA B 60 32.29 -6.22 -30.80
N ASN B 61 33.41 -6.01 -31.50
CA ASN B 61 34.43 -7.02 -31.57
C ASN B 61 35.39 -6.84 -30.40
N ALA B 62 35.88 -7.95 -29.88
CA ALA B 62 36.81 -7.97 -28.75
C ALA B 62 38.00 -8.86 -29.10
N THR B 63 39.21 -8.34 -28.86
CA THR B 63 40.47 -9.06 -29.13
C THR B 63 40.76 -10.15 -28.08
N THR B 64 40.24 -9.97 -26.83
CA THR B 64 40.39 -10.87 -25.69
C THR B 64 39.05 -11.34 -25.12
N LEU B 65 39.06 -11.98 -23.94
CA LEU B 65 37.88 -12.56 -23.31
C LEU B 65 37.09 -11.66 -22.33
N SER B 66 37.07 -10.35 -22.63
CA SER B 66 36.31 -9.35 -21.88
C SER B 66 35.96 -8.16 -22.73
N TYR B 67 34.86 -7.48 -22.37
CA TYR B 67 34.41 -6.29 -23.06
C TYR B 67 33.60 -5.37 -22.13
N LEU B 68 33.97 -4.08 -22.12
CA LEU B 68 33.27 -3.09 -21.32
C LEU B 68 32.21 -2.39 -22.17
N VAL B 69 30.93 -2.58 -21.80
CA VAL B 69 29.79 -1.99 -22.50
C VAL B 69 29.42 -0.66 -21.81
N THR B 70 29.46 0.46 -22.58
CA THR B 70 29.15 1.81 -22.07
C THR B 70 27.90 2.42 -22.77
N GLY B 71 27.48 3.61 -22.32
CA GLY B 71 26.34 4.35 -22.83
C GLY B 71 24.98 3.69 -22.69
N LEU B 72 24.82 2.85 -21.66
CA LEU B 72 23.56 2.14 -21.37
C LEU B 72 22.56 3.04 -20.62
N LYS B 73 21.26 2.68 -20.65
CA LYS B 73 20.23 3.47 -19.93
C LYS B 73 20.29 3.12 -18.44
N PRO B 74 20.00 4.06 -17.51
CA PRO B 74 19.96 3.69 -16.07
C PRO B 74 18.76 2.80 -15.72
N ASN B 75 18.94 1.97 -14.67
CA ASN B 75 17.92 1.04 -14.15
C ASN B 75 17.23 0.19 -15.25
N THR B 76 18.03 -0.33 -16.19
CA THR B 76 17.57 -1.08 -17.35
C THR B 76 18.19 -2.46 -17.43
N LEU B 77 17.33 -3.45 -17.76
CA LEU B 77 17.75 -4.83 -17.94
C LEU B 77 18.17 -5.08 -19.38
N TYR B 78 19.42 -5.48 -19.55
CA TYR B 78 20.06 -5.80 -20.83
C TYR B 78 20.38 -7.29 -20.95
N GLU B 79 20.40 -7.79 -22.19
CA GLU B 79 20.79 -9.17 -22.48
C GLU B 79 22.14 -9.15 -23.23
N PHE B 80 23.01 -10.11 -22.93
CA PHE B 80 24.34 -10.19 -23.54
C PHE B 80 24.68 -11.62 -23.95
N SER B 81 25.22 -11.77 -25.17
CA SER B 81 25.70 -13.04 -25.71
C SER B 81 26.98 -12.82 -26.53
N VAL B 82 27.84 -13.84 -26.56
CA VAL B 82 29.16 -13.80 -27.22
C VAL B 82 29.30 -14.90 -28.29
N MET B 83 30.09 -14.63 -29.34
CA MET B 83 30.42 -15.57 -30.42
C MET B 83 31.88 -15.38 -30.77
N VAL B 84 32.50 -16.41 -31.36
CA VAL B 84 33.92 -16.40 -31.75
C VAL B 84 34.02 -16.61 -33.26
N THR B 85 35.04 -15.99 -33.89
CA THR B 85 35.34 -16.08 -35.30
C THR B 85 36.86 -16.27 -35.45
N LYS B 86 37.28 -17.01 -36.49
CA LYS B 86 38.66 -17.30 -36.86
C LYS B 86 38.71 -17.44 -38.38
N GLY B 87 38.85 -16.29 -39.06
CA GLY B 87 38.87 -16.19 -40.52
C GLY B 87 37.60 -16.68 -41.18
N ARG B 88 37.57 -17.98 -41.47
CA ARG B 88 36.46 -18.69 -42.10
C ARG B 88 35.53 -19.34 -41.06
N ARG B 89 36.11 -19.82 -39.94
CA ARG B 89 35.35 -20.47 -38.89
C ARG B 89 34.58 -19.47 -38.00
N SER B 90 33.30 -19.75 -37.74
CA SER B 90 32.50 -18.92 -36.85
C SER B 90 31.54 -19.76 -36.02
N SER B 91 31.47 -19.46 -34.71
CA SER B 91 30.59 -20.17 -33.79
C SER B 91 29.22 -19.50 -33.75
N THR B 92 28.27 -20.14 -33.06
CA THR B 92 26.93 -19.58 -32.84
C THR B 92 27.03 -18.68 -31.60
N TRP B 93 25.94 -17.95 -31.32
CA TRP B 93 25.82 -17.11 -30.14
C TRP B 93 25.67 -17.98 -28.91
N SER B 94 26.42 -17.66 -27.86
CA SER B 94 26.44 -18.33 -26.56
C SER B 94 25.09 -18.23 -25.87
N MET B 95 24.97 -18.88 -24.68
CA MET B 95 23.79 -18.77 -23.85
C MET B 95 23.79 -17.31 -23.39
N THR B 96 22.61 -16.70 -23.31
CA THR B 96 22.52 -15.31 -22.90
C THR B 96 22.68 -15.13 -21.39
N ALA B 97 23.31 -14.02 -21.02
CA ALA B 97 23.45 -13.56 -19.65
C ALA B 97 22.72 -12.19 -19.57
N HIS B 98 22.18 -11.86 -18.39
CA HIS B 98 21.49 -10.60 -18.19
C HIS B 98 22.21 -9.74 -17.15
N GLY B 99 21.95 -8.44 -17.23
CA GLY B 99 22.52 -7.47 -16.30
C GLY B 99 21.69 -6.20 -16.30
N ALA B 100 21.27 -5.75 -15.11
CA ALA B 100 20.51 -4.51 -14.93
C ALA B 100 21.43 -3.38 -14.42
N THR B 101 21.44 -2.21 -15.10
CA THR B 101 22.27 -1.07 -14.72
C THR B 101 21.75 -0.43 -13.41
N PHE B 102 22.63 0.31 -12.70
CA PHE B 102 22.26 1.02 -11.46
C PHE B 102 21.32 2.22 -11.76
N GLU B 103 20.69 2.76 -10.72
CA GLU B 103 19.82 3.93 -10.86
C GLU B 103 20.66 5.21 -11.04
N LEU B 104 20.02 6.24 -11.56
CA LEU B 104 20.58 7.57 -11.70
C LEU B 104 19.45 8.52 -11.28
N VAL B 105 20.16 10.31 -11.38
CA VAL B 105 19.25 11.40 -11.00
C VAL B 105 18.28 11.64 -12.22
N PRO B 106 16.97 11.97 -12.08
CA PRO B 106 16.17 12.22 -13.30
C PRO B 106 16.85 13.33 -14.13
N THR B 107 16.80 13.23 -15.48
CA THR B 107 17.49 14.21 -16.33
C THR B 107 16.52 15.04 -17.14
N SER B 108 15.23 14.82 -16.95
CA SER B 108 14.21 15.56 -17.67
C SER B 108 13.08 15.95 -16.69
N PRO B 109 12.29 17.00 -16.97
CA PRO B 109 11.26 17.38 -16.01
C PRO B 109 9.92 16.60 -16.14
N PRO B 110 9.01 16.71 -15.11
CA PRO B 110 7.64 16.16 -15.25
C PRO B 110 7.00 16.82 -16.48
N LYS B 111 6.06 16.14 -17.13
CA LYS B 111 5.49 16.64 -18.37
C LYS B 111 4.05 16.92 -18.25
N ASP B 112 3.47 17.61 -19.26
CA ASP B 112 2.02 17.86 -19.39
C ASP B 112 1.36 18.46 -18.13
N VAL B 113 2.08 19.38 -17.45
CA VAL B 113 1.59 20.09 -16.27
C VAL B 113 0.27 20.84 -16.63
N THR B 114 -0.81 20.36 -16.00
CA THR B 114 -2.18 20.82 -16.20
C THR B 114 -2.74 21.28 -14.85
N VAL B 115 -3.31 22.47 -14.82
CA VAL B 115 -3.89 23.03 -13.59
C VAL B 115 -5.37 23.33 -13.84
N VAL B 116 -6.26 22.81 -12.99
CA VAL B 116 -7.71 22.99 -13.10
C VAL B 116 -8.33 23.45 -11.79
N SER B 117 -9.50 24.06 -11.87
CA SER B 117 -10.25 24.50 -10.70
C SER B 117 -11.08 23.31 -10.22
N LYS B 118 -11.07 23.02 -8.93
CA LYS B 118 -11.89 21.92 -8.39
C LYS B 118 -13.38 22.29 -8.49
N GLU B 119 -14.21 21.33 -8.96
CA GLU B 119 -15.66 21.51 -9.14
C GLU B 119 -16.31 21.82 -7.78
N GLY B 120 -17.05 22.94 -7.73
CA GLY B 120 -17.73 23.39 -6.53
C GLY B 120 -16.86 24.05 -5.49
N LYS B 121 -15.53 24.01 -5.66
CA LYS B 121 -14.53 24.54 -4.72
C LYS B 121 -13.55 25.42 -5.50
N PRO B 122 -13.94 26.66 -5.88
CA PRO B 122 -13.05 27.49 -6.73
C PRO B 122 -11.77 28.02 -6.07
N ARG B 123 -11.63 27.85 -4.74
CA ARG B 123 -10.41 28.23 -4.02
C ARG B 123 -9.42 27.05 -3.93
N THR B 124 -9.79 25.93 -4.52
CA THR B 124 -9.00 24.71 -4.63
C THR B 124 -8.64 24.48 -6.10
N ILE B 125 -7.37 24.16 -6.34
CA ILE B 125 -6.89 23.82 -7.66
C ILE B 125 -6.43 22.36 -7.62
N ILE B 126 -6.53 21.70 -8.77
CA ILE B 126 -6.01 20.34 -8.95
C ILE B 126 -4.84 20.46 -9.93
N VAL B 127 -3.65 19.94 -9.55
CA VAL B 127 -2.47 19.92 -10.43
C VAL B 127 -2.35 18.48 -10.90
N ASN B 128 -2.31 18.27 -12.22
CA ASN B 128 -2.18 16.97 -12.85
C ASN B 128 -0.95 16.97 -13.76
N TRP B 129 -0.20 15.88 -13.74
CA TRP B 129 1.00 15.81 -14.59
C TRP B 129 1.30 14.41 -15.05
N GLN B 130 2.36 14.28 -15.85
CA GLN B 130 2.88 13.03 -16.38
C GLN B 130 4.32 12.90 -15.91
N PRO B 131 4.84 11.67 -15.73
CA PRO B 131 6.22 11.53 -15.25
C PRO B 131 7.28 12.10 -16.23
N PRO B 132 8.53 12.33 -15.75
CA PRO B 132 9.60 12.68 -16.70
C PRO B 132 9.81 11.49 -17.64
N SER B 133 10.11 11.78 -18.91
CA SER B 133 10.39 10.71 -19.88
C SER B 133 11.74 10.08 -19.50
N GLU B 134 12.63 10.85 -18.80
CA GLU B 134 13.93 10.38 -18.30
C GLU B 134 13.95 10.35 -16.76
N ALA B 135 13.08 9.49 -16.19
CA ALA B 135 12.96 9.26 -14.77
C ALA B 135 14.26 8.65 -14.23
N ASN B 136 14.91 7.74 -15.01
CA ASN B 136 16.21 7.09 -14.69
C ASN B 136 16.25 6.27 -13.39
N GLY B 137 15.07 5.91 -12.92
CA GLY B 137 14.90 5.15 -11.67
C GLY B 137 13.50 5.30 -11.15
N LYS B 138 13.19 4.57 -10.10
CA LYS B 138 11.89 4.64 -9.44
C LYS B 138 11.69 6.04 -8.82
N ILE B 139 10.67 6.76 -9.27
CA ILE B 139 10.30 8.06 -8.74
C ILE B 139 9.76 7.86 -7.35
N THR B 140 10.41 8.50 -6.36
CA THR B 140 10.08 8.40 -4.94
C THR B 140 9.26 9.58 -4.43
N GLY B 141 9.13 10.61 -5.27
CA GLY B 141 8.38 11.82 -4.97
C GLY B 141 8.46 12.87 -6.06
N TYR B 142 7.63 13.89 -5.91
CA TYR B 142 7.61 15.09 -6.75
C TYR B 142 7.57 16.27 -5.81
N ILE B 143 7.97 17.44 -6.31
CA ILE B 143 7.86 18.68 -5.55
C ILE B 143 7.09 19.65 -6.43
N ILE B 144 5.96 20.16 -5.93
CA ILE B 144 5.22 21.21 -6.64
C ILE B 144 5.58 22.56 -6.00
N TYR B 145 6.01 23.51 -6.83
CA TYR B 145 6.31 24.89 -6.41
C TYR B 145 5.23 25.75 -7.03
N TYR B 146 4.68 26.66 -6.26
CA TYR B 146 3.69 27.60 -6.77
C TYR B 146 3.86 29.01 -6.20
N SER B 147 3.46 30.01 -6.98
CA SER B 147 3.56 31.40 -6.57
C SER B 147 2.53 32.26 -7.26
N THR B 148 2.21 33.44 -6.67
CA THR B 148 1.34 34.47 -7.24
C THR B 148 2.26 35.44 -7.97
N ASP B 149 3.54 35.36 -7.63
CA ASP B 149 4.60 36.16 -8.22
C ASP B 149 5.46 35.33 -9.19
N VAL B 150 5.31 35.64 -10.47
CA VAL B 150 6.02 35.04 -11.60
C VAL B 150 7.54 35.37 -11.53
N ASN B 151 7.91 36.52 -10.91
CA ASN B 151 9.30 36.95 -10.80
C ASN B 151 9.96 36.65 -9.46
N ALA B 152 9.24 36.00 -8.54
CA ALA B 152 9.80 35.64 -7.25
C ALA B 152 10.93 34.61 -7.42
N GLU B 153 11.97 34.75 -6.59
CA GLU B 153 13.09 33.81 -6.59
C GLU B 153 12.58 32.46 -6.09
N ILE B 154 13.11 31.36 -6.65
CA ILE B 154 12.65 29.99 -6.37
C ILE B 154 12.45 29.61 -4.87
N HIS B 155 13.33 30.10 -4.01
CA HIS B 155 13.24 29.87 -2.56
C HIS B 155 12.05 30.57 -1.91
N ASP B 156 11.43 31.54 -2.62
CA ASP B 156 10.25 32.29 -2.14
C ASP B 156 8.91 31.67 -2.60
N TRP B 157 8.96 30.59 -3.41
CA TRP B 157 7.79 29.88 -3.92
C TRP B 157 7.30 28.91 -2.85
N VAL B 158 5.97 28.70 -2.78
CA VAL B 158 5.38 27.79 -1.81
C VAL B 158 5.71 26.38 -2.26
N ILE B 159 6.21 25.54 -1.33
CA ILE B 159 6.59 24.16 -1.61
C ILE B 159 5.51 23.17 -1.18
N GLU B 160 5.21 22.23 -2.05
CA GLU B 160 4.21 21.21 -1.83
C GLU B 160 4.77 19.83 -2.19
N PRO B 161 5.48 19.14 -1.25
CA PRO B 161 6.00 17.79 -1.54
C PRO B 161 4.87 16.79 -1.73
N VAL B 162 5.11 15.78 -2.58
CA VAL B 162 4.10 14.81 -3.01
C VAL B 162 4.75 13.42 -3.22
N VAL B 163 3.98 12.32 -3.03
CA VAL B 163 4.44 10.94 -3.28
C VAL B 163 4.80 10.71 -4.78
N GLY B 164 5.67 9.75 -5.07
CA GLY B 164 6.12 9.51 -6.43
C GLY B 164 5.25 8.61 -7.26
N ASN B 165 4.29 7.95 -6.62
CA ASN B 165 3.40 7.02 -7.30
C ASN B 165 2.02 7.64 -7.58
N ARG B 166 1.96 9.00 -7.53
CA ARG B 166 0.74 9.76 -7.83
C ARG B 166 1.03 10.88 -8.80
N LEU B 167 0.05 11.19 -9.66
CA LEU B 167 0.20 12.19 -10.70
C LEU B 167 -0.89 13.28 -10.67
N THR B 168 -1.50 13.46 -9.50
CA THR B 168 -2.54 14.45 -9.22
C THR B 168 -2.40 14.95 -7.77
N HIS B 169 -2.61 16.25 -7.57
CA HIS B 169 -2.51 16.84 -6.23
C HIS B 169 -3.45 18.03 -6.09
N GLN B 170 -4.03 18.21 -4.90
CA GLN B 170 -4.97 19.32 -4.64
C GLN B 170 -4.42 20.37 -3.69
N ILE B 171 -4.52 21.66 -4.06
CA ILE B 171 -4.06 22.77 -3.23
C ILE B 171 -5.24 23.67 -2.89
N GLN B 172 -5.53 23.77 -1.60
CA GLN B 172 -6.64 24.50 -1.03
C GLN B 172 -6.26 25.90 -0.57
N GLU B 173 -7.30 26.72 -0.25
CA GLU B 173 -7.16 28.06 0.35
C GLU B 173 -6.48 29.08 -0.55
N LEU B 174 -6.71 28.99 -1.85
CA LEU B 174 -6.10 29.94 -2.77
C LEU B 174 -7.02 31.13 -2.98
N THR B 175 -6.47 32.23 -3.49
CA THR B 175 -7.23 33.45 -3.76
C THR B 175 -7.91 33.35 -5.14
N LEU B 176 -9.18 33.76 -5.19
CA LEU B 176 -10.00 33.76 -6.41
C LEU B 176 -9.54 34.88 -7.34
N ASP B 177 -9.89 34.76 -8.65
CA ASP B 177 -9.54 35.69 -9.73
C ASP B 177 -8.07 36.16 -9.68
N THR B 178 -7.16 35.22 -9.36
CA THR B 178 -5.72 35.45 -9.20
C THR B 178 -4.86 34.53 -10.05
N PRO B 179 -3.91 35.09 -10.83
CA PRO B 179 -2.96 34.25 -11.56
C PRO B 179 -1.98 33.52 -10.61
N TYR B 180 -1.81 32.20 -10.79
CA TYR B 180 -0.86 31.36 -10.06
C TYR B 180 0.06 30.71 -11.11
N TYR B 181 1.30 30.41 -10.71
CA TYR B 181 2.35 29.80 -11.55
C TYR B 181 2.82 28.57 -10.82
N PHE B 182 2.99 27.47 -11.57
CA PHE B 182 3.30 26.14 -11.08
C PHE B 182 4.50 25.54 -11.77
N LYS B 183 5.40 24.93 -10.99
CA LYS B 183 6.57 24.19 -11.48
C LYS B 183 6.63 22.88 -10.71
N ILE B 184 7.04 21.80 -11.36
CA ILE B 184 7.14 20.49 -10.69
C ILE B 184 8.50 19.91 -10.98
N GLN B 185 9.04 19.16 -10.04
CA GLN B 185 10.27 18.41 -10.27
C GLN B 185 10.14 16.99 -9.72
N ALA B 186 10.78 16.01 -10.38
CA ALA B 186 10.74 14.65 -9.88
C ALA B 186 11.97 14.35 -9.04
N ARG B 187 11.86 13.33 -8.20
CA ARG B 187 12.99 12.88 -7.40
C ARG B 187 13.04 11.38 -7.35
N ASN B 188 14.25 10.87 -7.28
CA ASN B 188 14.49 9.43 -7.16
C ASN B 188 15.59 9.17 -6.08
N SER B 189 16.03 7.94 -5.87
CA SER B 189 17.05 7.62 -4.86
C SER B 189 18.38 8.35 -5.10
N LYS B 190 18.59 8.86 -6.33
CA LYS B 190 19.81 9.57 -6.70
C LYS B 190 19.72 11.09 -6.53
N GLY B 191 18.52 11.63 -6.36
CA GLY B 191 18.32 13.06 -6.17
C GLY B 191 17.22 13.70 -7.01
N MET B 192 17.30 15.02 -7.15
CA MET B 192 16.33 15.87 -7.85
C MET B 192 16.57 16.00 -9.33
N GLY B 193 15.50 15.90 -10.08
CA GLY B 193 15.57 16.13 -11.53
C GLY B 193 15.34 17.60 -11.83
N PRO B 194 15.32 18.00 -13.11
CA PRO B 194 15.08 19.42 -13.39
C PRO B 194 13.63 19.81 -13.19
N MET B 195 13.39 21.10 -13.06
CA MET B 195 12.04 21.61 -12.88
C MET B 195 11.39 21.87 -14.21
N SER B 196 10.06 21.66 -14.28
CA SER B 196 9.32 21.96 -15.50
C SER B 196 9.21 23.48 -15.60
N GLU B 197 9.05 24.00 -16.82
CA GLU B 197 8.88 25.45 -17.03
C GLU B 197 7.53 25.90 -16.46
N ALA B 198 7.49 27.02 -15.75
CA ALA B 198 6.27 27.47 -15.09
C ALA B 198 5.05 27.48 -15.99
N VAL B 199 3.92 26.99 -15.44
CA VAL B 199 2.61 26.97 -16.10
C VAL B 199 1.76 28.00 -15.35
N GLN B 200 1.02 28.84 -16.07
CA GLN B 200 0.12 29.83 -15.45
C GLN B 200 -1.33 29.33 -15.39
N PHE B 201 -2.01 29.58 -14.25
CA PHE B 201 -3.43 29.31 -14.07
C PHE B 201 -4.07 30.43 -13.26
N ARG B 202 -5.06 31.10 -13.83
CA ARG B 202 -5.79 32.15 -13.14
C ARG B 202 -7.00 31.50 -12.50
N THR B 203 -7.17 31.64 -11.16
CA THR B 203 -8.30 31.04 -10.44
C THR B 203 -9.58 31.71 -10.88
N PRO B 204 -10.72 30.99 -10.82
CA PRO B 204 -12.00 31.62 -11.23
C PRO B 204 -12.50 32.71 -10.29
N LYS B 205 -13.52 33.47 -10.72
CA LYS B 205 -14.17 34.44 -9.86
C LYS B 205 -15.64 34.02 -9.64
N ALA B 206 -16.41 34.81 -8.89
CA ALA B 206 -17.78 34.53 -8.56
C ALA B 206 -18.70 35.04 -9.67
N PRO C 92 -30.16 7.41 12.73
CA PRO C 92 -30.65 6.55 11.64
C PRO C 92 -29.93 5.22 11.62
N CYS C 93 -28.62 5.26 11.96
CA CYS C 93 -27.71 4.13 12.05
C CYS C 93 -28.09 3.21 13.21
N ASN C 94 -28.65 3.81 14.29
CA ASN C 94 -29.09 3.15 15.53
C ASN C 94 -30.00 1.97 15.29
N TYR C 95 -29.71 0.86 15.98
CA TYR C 95 -30.43 -0.41 15.89
C TYR C 95 -31.90 -0.25 16.29
N PRO C 112 -36.72 -4.62 21.59
CA PRO C 112 -35.64 -5.60 21.35
C PRO C 112 -35.07 -6.20 22.63
N SER C 113 -34.81 -7.52 22.64
CA SER C 113 -34.23 -8.22 23.79
C SER C 113 -32.73 -8.44 23.63
N TYR C 114 -32.00 -8.35 24.77
CA TYR C 114 -30.55 -8.46 24.84
C TYR C 114 -30.00 -9.74 25.42
N LEU C 115 -28.95 -10.26 24.76
CA LEU C 115 -28.19 -11.43 25.16
C LEU C 115 -26.84 -10.94 25.69
N PHE C 116 -26.35 -11.58 26.77
CA PHE C 116 -25.09 -11.20 27.41
C PHE C 116 -24.06 -12.31 27.41
N CYS C 117 -22.80 -11.94 27.13
CA CYS C 117 -21.68 -12.87 27.16
C CYS C 117 -20.57 -12.34 28.05
N GLY C 118 -19.94 -13.23 28.82
CA GLY C 118 -18.86 -12.87 29.73
C GLY C 118 -17.72 -13.86 29.80
N LEU C 119 -16.49 -13.36 29.99
CA LEU C 119 -15.26 -14.15 30.10
C LEU C 119 -14.42 -13.49 31.17
N PHE C 120 -14.04 -14.23 32.18
CA PHE C 120 -13.30 -13.71 33.34
C PHE C 120 -12.55 -14.80 34.05
N GLY C 121 -11.64 -14.40 34.92
CA GLY C 121 -10.85 -15.32 35.77
C GLY C 121 -11.49 -15.60 37.14
N ASP C 122 -10.98 -16.46 38.03
CA ASP C 122 -10.28 -17.75 38.15
C ASP C 122 -10.49 -18.27 39.55
N PRO D 1 -10.53 -19.97 31.07
CA PRO D 1 -11.20 -19.11 32.07
C PRO D 1 -12.66 -19.45 32.25
N HIS D 2 -13.38 -18.65 33.05
CA HIS D 2 -14.83 -18.89 33.21
C HIS D 2 -15.58 -18.20 32.08
N LEU D 3 -16.60 -18.86 31.53
CA LEU D 3 -17.40 -18.30 30.44
C LEU D 3 -18.88 -18.33 30.80
N ARG D 4 -19.61 -17.25 30.53
CA ARG D 4 -21.05 -17.16 30.69
C ARG D 4 -21.55 -16.89 29.28
N THR D 5 -22.27 -17.87 28.67
CA THR D 5 -22.75 -17.78 27.26
C THR D 5 -24.03 -16.95 27.11
N PHE D 6 -24.35 -16.59 25.85
CA PHE D 6 -25.57 -15.86 25.50
C PHE D 6 -26.78 -16.66 25.96
N LYS D 7 -26.60 -18.02 26.11
CA LYS D 7 -27.65 -18.97 26.54
C LYS D 7 -27.63 -19.21 28.05
N ASP D 8 -26.86 -18.37 28.80
CA ASP D 8 -26.74 -18.40 30.26
C ASP D 8 -26.22 -19.70 30.86
N ASN D 9 -25.42 -20.46 30.09
CA ASN D 9 -24.75 -21.65 30.58
C ASN D 9 -23.43 -21.10 31.11
N PHE D 10 -23.01 -21.51 32.33
CA PHE D 10 -21.73 -21.07 32.90
C PHE D 10 -20.81 -22.24 32.74
N GLN D 11 -19.60 -21.99 32.20
CA GLN D 11 -18.58 -23.01 31.96
C GLN D 11 -17.16 -22.59 32.37
N THR D 12 -16.35 -23.58 32.77
CA THR D 12 -14.94 -23.39 33.01
C THR D 12 -14.21 -24.12 31.91
N CYS D 13 -13.56 -23.34 31.05
CA CYS D 13 -12.86 -23.79 29.86
C CYS D 13 -11.40 -23.52 29.95
N LYS D 14 -10.59 -24.42 29.35
CA LYS D 14 -9.14 -24.26 29.24
C LYS D 14 -8.90 -23.34 28.00
N VAL D 15 -9.42 -23.71 26.85
CA VAL D 15 -9.32 -22.91 25.61
C VAL D 15 -7.97 -22.08 25.50
N GLU D 16 -6.86 -22.80 25.57
CA GLU D 16 -5.53 -22.20 25.50
C GLU D 16 -5.26 -21.71 24.09
N GLY D 17 -4.60 -20.55 24.00
CA GLY D 17 -4.28 -19.89 22.73
C GLY D 17 -5.38 -18.98 22.27
N ALA D 18 -5.45 -18.73 20.94
CA ALA D 18 -6.45 -17.85 20.34
C ALA D 18 -7.76 -18.59 20.04
N TRP D 19 -8.88 -18.02 20.53
CA TRP D 19 -10.21 -18.61 20.39
C TRP D 19 -11.28 -17.58 20.05
N PRO D 20 -12.22 -17.89 19.13
CA PRO D 20 -13.31 -16.93 18.85
C PRO D 20 -14.46 -17.00 19.87
N LEU D 21 -14.78 -15.84 20.46
CA LEU D 21 -15.93 -15.73 21.35
C LEU D 21 -17.12 -15.45 20.48
N ILE D 22 -16.95 -14.52 19.55
CA ILE D 22 -17.95 -14.09 18.57
C ILE D 22 -17.31 -14.07 17.20
N ASP D 23 -18.06 -14.59 16.23
CA ASP D 23 -17.65 -14.67 14.85
C ASP D 23 -18.94 -14.66 14.04
N ASN D 24 -19.53 -13.48 13.88
CA ASN D 24 -20.79 -13.36 13.17
C ASN D 24 -20.75 -12.33 12.06
N ASN D 25 -21.93 -11.99 11.48
CA ASN D 25 -22.00 -11.05 10.36
C ASN D 25 -21.59 -9.62 10.65
N TYR D 26 -21.59 -9.22 11.94
CA TYR D 26 -21.36 -7.85 12.39
C TYR D 26 -20.11 -7.65 13.24
N LEU D 27 -19.66 -8.71 13.89
CA LEU D 27 -18.61 -8.56 14.88
C LEU D 27 -17.75 -9.79 15.01
N SER D 28 -16.45 -9.56 15.26
CA SER D 28 -15.49 -10.61 15.59
C SER D 28 -14.92 -10.27 16.96
N VAL D 29 -15.01 -11.19 17.91
CA VAL D 29 -14.40 -11.06 19.25
C VAL D 29 -13.42 -12.24 19.40
N GLN D 30 -12.12 -11.95 19.49
CA GLN D 30 -11.07 -12.98 19.59
C GLN D 30 -10.26 -12.82 20.85
N VAL D 31 -10.06 -13.91 21.60
CA VAL D 31 -9.27 -13.86 22.85
C VAL D 31 -8.10 -14.81 22.84
N THR D 32 -7.03 -14.46 23.57
CA THR D 32 -5.88 -15.32 23.82
C THR D 32 -5.87 -15.63 25.32
N ASN D 33 -5.82 -16.94 25.63
CA ASN D 33 -5.79 -17.45 26.99
C ASN D 33 -4.50 -18.20 27.23
N VAL D 34 -3.96 -18.00 28.42
CA VAL D 34 -2.68 -18.55 28.84
C VAL D 34 -2.83 -19.33 30.16
N PRO D 35 -2.19 -20.51 30.30
CA PRO D 35 -2.26 -21.23 31.60
C PRO D 35 -1.68 -20.31 32.67
N VAL D 36 -2.33 -20.24 33.83
CA VAL D 36 -1.97 -19.38 34.96
C VAL D 36 -0.52 -19.65 35.46
N VAL D 37 -0.12 -20.93 35.40
CA VAL D 37 1.24 -21.46 35.65
C VAL D 37 1.43 -22.54 34.55
N PRO D 38 2.68 -22.85 34.14
CA PRO D 38 2.86 -23.91 33.11
C PRO D 38 2.27 -25.26 33.52
N GLY D 39 1.61 -25.91 32.57
CA GLY D 39 0.96 -27.21 32.76
C GLY D 39 -0.41 -27.18 33.43
N SER D 40 -0.87 -25.99 33.85
CA SER D 40 -2.17 -25.83 34.50
C SER D 40 -3.32 -25.89 33.47
N SER D 41 -4.44 -26.50 33.90
CA SER D 41 -5.66 -26.53 33.06
C SER D 41 -6.44 -25.20 33.25
N ALA D 42 -6.12 -24.44 34.34
CA ALA D 42 -6.72 -23.14 34.63
C ALA D 42 -6.03 -22.09 33.75
N THR D 43 -6.83 -21.44 32.91
CA THR D 43 -6.29 -20.45 31.99
C THR D 43 -6.96 -19.10 32.20
N ALA D 44 -6.30 -18.02 31.74
CA ALA D 44 -6.78 -16.66 31.87
C ALA D 44 -6.39 -15.85 30.64
N THR D 45 -7.13 -14.76 30.41
CA THR D 45 -7.04 -13.89 29.25
C THR D 45 -5.93 -12.81 29.27
N ASN D 46 -5.05 -12.84 28.27
CA ASN D 46 -4.02 -11.82 28.16
C ASN D 46 -4.18 -10.92 26.92
N LYS D 47 -5.16 -11.24 26.02
CA LYS D 47 -5.42 -10.42 24.83
C LYS D 47 -6.88 -10.47 24.42
N ILE D 48 -7.44 -9.30 24.11
CA ILE D 48 -8.81 -9.17 23.63
C ILE D 48 -8.77 -8.39 22.33
N THR D 49 -9.21 -9.01 21.22
CA THR D 49 -9.34 -8.34 19.93
C THR D 49 -10.81 -8.25 19.54
N ILE D 50 -11.27 -7.05 19.18
CA ILE D 50 -12.64 -6.82 18.71
C ILE D 50 -12.59 -6.20 17.32
N ILE D 51 -13.25 -6.84 16.35
CA ILE D 51 -13.37 -6.33 14.99
C ILE D 51 -14.82 -5.88 14.76
N PHE D 52 -15.04 -4.58 14.67
CA PHE D 52 -16.31 -4.00 14.31
C PHE D 52 -16.26 -3.89 12.80
N LYS D 53 -16.85 -4.87 12.10
CA LYS D 53 -16.91 -4.96 10.63
C LYS D 53 -17.54 -3.70 10.00
N ALA D 54 -17.08 -3.33 8.79
CA ALA D 54 -17.60 -2.13 8.11
C ALA D 54 -19.11 -2.20 7.92
N HIS D 55 -19.79 -1.13 8.35
CA HIS D 55 -21.23 -1.00 8.25
C HIS D 55 -21.54 0.26 7.45
N HIS D 56 -21.70 0.10 6.12
CA HIS D 56 -21.94 1.19 5.17
C HIS D 56 -22.85 2.29 5.70
N GLY D 57 -22.34 3.51 5.69
CA GLY D 57 -23.03 4.71 6.16
C GLY D 57 -22.98 4.96 7.66
N CYS D 58 -22.38 4.04 8.44
CA CYS D 58 -22.31 4.15 9.90
C CYS D 58 -20.89 4.13 10.44
N THR D 59 -20.11 3.14 10.01
CA THR D 59 -18.72 3.00 10.40
C THR D 59 -17.89 2.29 9.36
N ASP D 60 -16.61 2.64 9.31
CA ASP D 60 -15.62 1.92 8.50
C ASP D 60 -15.19 0.80 9.49
N GLN D 61 -14.41 -0.17 9.03
CA GLN D 61 -13.97 -1.24 9.91
C GLN D 61 -13.05 -0.70 11.00
N LYS D 62 -13.33 -1.04 12.25
CA LYS D 62 -12.50 -0.65 13.38
C LYS D 62 -12.04 -1.87 14.15
N VAL D 63 -10.81 -1.83 14.61
CA VAL D 63 -10.23 -2.90 15.41
C VAL D 63 -9.80 -2.33 16.74
N TYR D 64 -10.25 -2.98 17.82
CA TYR D 64 -9.82 -2.67 19.17
C TYR D 64 -8.98 -3.83 19.66
N GLN D 65 -7.88 -3.50 20.33
CA GLN D 65 -7.08 -4.52 20.95
C GLN D 65 -6.53 -4.07 22.28
N ALA D 66 -6.80 -4.85 23.34
CA ALA D 66 -6.24 -4.65 24.68
C ALA D 66 -5.38 -5.90 25.00
N VAL D 67 -4.30 -5.70 25.75
CA VAL D 67 -3.42 -6.78 26.22
C VAL D 67 -3.17 -6.48 27.69
N THR D 68 -2.61 -7.45 28.44
CA THR D 68 -2.22 -7.24 29.84
C THR D 68 -1.24 -6.03 29.88
N ASP D 69 -1.55 -5.04 30.73
CA ASP D 69 -0.82 -3.78 30.97
C ASP D 69 -0.92 -2.76 29.83
N ASP D 70 -1.85 -2.99 28.90
CA ASP D 70 -2.13 -2.05 27.80
C ASP D 70 -3.59 -2.11 27.39
N LEU D 71 -4.38 -1.23 28.03
CA LEU D 71 -5.81 -1.03 27.79
C LEU D 71 -6.01 0.39 27.25
N PRO D 72 -5.82 0.60 25.93
CA PRO D 72 -6.03 1.95 25.37
C PRO D 72 -7.49 2.37 25.30
N ALA D 73 -7.74 3.66 25.11
CA ALA D 73 -9.11 4.17 24.97
C ALA D 73 -9.33 4.57 23.50
N ALA D 74 -8.79 3.75 22.59
CA ALA D 74 -8.82 3.99 21.16
C ALA D 74 -8.63 2.70 20.36
N PHE D 75 -9.06 2.74 19.09
CA PHE D 75 -8.88 1.66 18.12
C PHE D 75 -7.39 1.65 17.70
N VAL D 76 -6.90 0.55 17.12
CA VAL D 76 -5.49 0.41 16.71
C VAL D 76 -4.93 1.54 15.82
N ASP D 77 -5.83 2.26 15.09
CA ASP D 77 -5.46 3.39 14.21
C ASP D 77 -5.43 4.74 14.95
N GLY D 78 -5.59 4.69 16.28
CA GLY D 78 -5.58 5.86 17.16
C GLY D 78 -6.87 6.64 17.27
N THR D 79 -7.92 6.19 16.54
CA THR D 79 -9.26 6.81 16.51
C THR D 79 -10.07 6.31 17.70
N THR D 80 -11.04 7.12 18.12
CA THR D 80 -11.93 6.89 19.26
C THR D 80 -13.39 6.78 18.80
N SER D 81 -13.62 6.89 17.48
CA SER D 81 -14.93 6.79 16.85
C SER D 81 -14.83 6.28 15.41
N GLY D 82 -15.88 5.59 14.97
CA GLY D 82 -16.01 5.04 13.62
C GLY D 82 -16.39 6.10 12.61
N GLY D 83 -15.97 5.88 11.36
CA GLY D 83 -16.23 6.77 10.23
C GLY D 83 -15.71 8.19 10.43
N ASP D 84 -16.52 9.18 9.99
CA ASP D 84 -16.24 10.63 10.06
C ASP D 84 -16.15 11.17 11.51
N SER D 85 -15.95 12.50 11.63
CA SER D 85 -15.90 13.19 12.92
C SER D 85 -17.35 13.30 13.45
N ASP D 86 -18.31 13.49 12.53
CA ASP D 86 -19.75 13.59 12.82
C ASP D 86 -20.37 12.24 13.18
N ALA D 87 -19.78 11.11 12.68
CA ALA D 87 -20.27 9.74 12.91
C ALA D 87 -19.92 9.24 14.30
N LYS D 88 -20.93 9.11 15.16
CA LYS D 88 -20.78 8.63 16.54
C LYS D 88 -21.56 7.32 16.83
N SER D 89 -21.96 6.59 15.75
CA SER D 89 -22.63 5.28 15.79
C SER D 89 -21.70 4.25 16.46
N LEU D 90 -20.37 4.45 16.33
CA LEU D 90 -19.34 3.64 16.99
C LEU D 90 -18.35 4.53 17.77
N ARG D 91 -18.24 4.32 19.08
CA ARG D 91 -17.35 5.12 19.93
C ARG D 91 -16.73 4.33 21.08
N ILE D 92 -15.59 4.84 21.62
CA ILE D 92 -14.87 4.27 22.79
C ILE D 92 -14.77 5.33 23.88
N VAL D 93 -15.08 4.94 25.12
CA VAL D 93 -14.99 5.80 26.31
C VAL D 93 -14.23 5.12 27.45
N GLU D 94 -13.40 5.89 28.17
CA GLU D 94 -12.59 5.43 29.29
C GLU D 94 -13.24 5.81 30.62
N TYR D 100 -12.87 0.33 33.52
CA TYR D 100 -13.41 -0.18 32.26
C TYR D 100 -13.24 0.76 31.08
N VAL D 101 -12.93 0.20 29.91
CA VAL D 101 -12.99 0.97 28.67
C VAL D 101 -14.24 0.39 28.00
N GLU D 102 -15.07 1.25 27.43
CA GLU D 102 -16.28 0.73 26.82
C GLU D 102 -16.46 1.08 25.35
N MET D 103 -17.00 0.14 24.58
CA MET D 103 -17.27 0.34 23.17
C MET D 103 -18.76 0.32 22.93
N HIS D 104 -19.26 1.42 22.38
CA HIS D 104 -20.68 1.57 22.11
C HIS D 104 -20.89 1.53 20.60
N ALA D 105 -21.39 0.40 20.11
CA ALA D 105 -21.71 0.18 18.70
C ALA D 105 -23.23 0.26 18.59
N ARG D 106 -23.76 1.50 18.72
CA ARG D 106 -25.19 1.85 18.67
C ARG D 106 -25.87 1.29 17.43
N TYR D 107 -25.18 1.36 16.29
CA TYR D 107 -25.65 0.89 14.98
C TYR D 107 -26.08 -0.61 14.97
N ILE D 108 -25.48 -1.44 15.86
CA ILE D 108 -25.79 -2.85 16.05
C ILE D 108 -26.29 -3.14 17.50
N GLY D 109 -26.75 -2.10 18.21
CA GLY D 109 -27.23 -2.16 19.60
C GLY D 109 -26.35 -2.97 20.53
N THR D 110 -25.02 -2.90 20.31
CA THR D 110 -24.00 -3.68 21.00
C THR D 110 -23.08 -2.87 21.90
N THR D 111 -22.86 -3.38 23.11
CA THR D 111 -21.92 -2.79 24.08
C THR D 111 -20.85 -3.83 24.45
N VAL D 112 -19.60 -3.39 24.56
CA VAL D 112 -18.47 -4.26 24.91
C VAL D 112 -17.68 -3.57 26.02
N PHE D 113 -17.62 -4.19 27.22
CA PHE D 113 -16.83 -3.65 28.35
C PHE D 113 -15.57 -4.48 28.54
N VAL D 114 -14.42 -3.81 28.64
CA VAL D 114 -13.13 -4.50 28.83
C VAL D 114 -12.41 -3.89 30.03
N ARG D 115 -11.92 -4.75 30.91
CA ARG D 115 -11.10 -4.32 32.05
C ARG D 115 -10.01 -5.31 32.42
N GLN D 116 -9.00 -4.83 33.14
CA GLN D 116 -7.90 -5.67 33.61
C GLN D 116 -8.11 -5.88 35.09
N VAL D 117 -8.30 -7.14 35.50
CA VAL D 117 -8.43 -7.54 36.91
C VAL D 117 -7.15 -8.33 37.20
N GLY D 118 -6.25 -7.70 37.93
CA GLY D 118 -4.95 -8.24 38.27
C GLY D 118 -4.03 -8.37 37.07
N ARG D 119 -3.61 -9.61 36.76
CA ARG D 119 -2.72 -9.84 35.61
C ARG D 119 -3.46 -10.22 34.36
N TYR D 120 -4.79 -10.25 34.43
CA TYR D 120 -5.61 -10.71 33.31
C TYR D 120 -6.76 -9.82 32.94
N LEU D 121 -7.36 -10.10 31.77
CA LEU D 121 -8.45 -9.31 31.21
C LEU D 121 -9.83 -9.95 31.32
N THR D 122 -10.84 -9.11 31.59
CA THR D 122 -12.23 -9.56 31.63
C THR D 122 -13.02 -8.85 30.53
N LEU D 123 -14.11 -9.48 30.10
CA LEU D 123 -14.94 -9.02 29.01
C LEU D 123 -16.42 -9.28 29.26
N ALA D 124 -17.26 -8.27 28.95
CA ALA D 124 -18.73 -8.31 29.04
C ALA D 124 -19.27 -7.76 27.73
N ILE D 125 -20.19 -8.50 27.09
CA ILE D 125 -20.83 -8.17 25.81
C ILE D 125 -22.36 -8.22 25.93
N ARG D 126 -23.01 -7.13 25.51
CA ARG D 126 -24.46 -7.02 25.47
C ARG D 126 -24.78 -6.87 23.98
N MET D 127 -25.57 -7.79 23.43
CA MET D 127 -25.89 -7.82 22.00
C MET D 127 -27.37 -8.17 21.75
N PRO D 128 -28.05 -7.54 20.76
CA PRO D 128 -29.45 -7.93 20.47
C PRO D 128 -29.52 -9.36 19.95
N GLU D 129 -30.45 -10.16 20.48
CA GLU D 129 -30.65 -11.57 20.16
C GLU D 129 -30.61 -11.93 18.67
N ASP D 130 -31.33 -11.16 17.82
CA ASP D 130 -31.38 -11.41 16.37
C ASP D 130 -30.04 -11.18 15.67
N LEU D 131 -29.22 -10.27 16.22
CA LEU D 131 -27.89 -9.95 15.70
C LEU D 131 -26.86 -10.94 16.23
N ALA D 132 -26.97 -11.30 17.53
CA ALA D 132 -26.13 -12.30 18.18
C ALA D 132 -26.25 -13.69 17.50
N MET D 133 -27.46 -14.05 17.01
CA MET D 133 -27.72 -15.33 16.34
C MET D 133 -27.66 -15.25 14.80
N SER D 134 -27.22 -14.08 14.25
CA SER D 134 -27.08 -13.85 12.81
C SER D 134 -25.66 -14.15 12.35
N TYR D 135 -25.44 -15.41 11.92
CA TYR D 135 -24.16 -15.93 11.44
C TYR D 135 -24.34 -17.07 10.42
N GLU D 136 -23.35 -17.27 9.54
CA GLU D 136 -23.35 -18.32 8.53
C GLU D 136 -22.98 -19.69 9.08
N GLU D 137 -23.40 -20.77 8.39
CA GLU D 137 -23.19 -22.17 8.79
C GLU D 137 -21.78 -22.54 9.24
N SER D 138 -20.75 -22.03 8.51
CA SER D 138 -19.33 -22.25 8.79
C SER D 138 -18.82 -21.54 10.06
N GLN D 139 -19.57 -20.57 10.59
CA GLN D 139 -19.20 -19.82 11.80
C GLN D 139 -19.66 -20.57 13.08
N ASP D 140 -19.45 -21.90 13.11
CA ASP D 140 -19.90 -22.77 14.19
C ASP D 140 -19.07 -22.81 15.48
N LEU D 141 -17.87 -22.18 15.47
CA LEU D 141 -17.03 -22.05 16.67
C LEU D 141 -17.18 -20.60 17.18
N GLN D 142 -18.00 -20.44 18.22
CA GLN D 142 -18.33 -19.17 18.87
C GLN D 142 -18.65 -19.45 20.31
N LEU D 143 -17.64 -19.36 21.19
CA LEU D 143 -17.78 -19.64 22.62
C LEU D 143 -19.02 -18.96 23.28
N CYS D 144 -19.36 -17.73 22.88
CA CYS D 144 -20.53 -16.98 23.37
C CYS D 144 -21.87 -17.60 22.95
N VAL D 145 -21.91 -18.25 21.79
CA VAL D 145 -23.15 -18.87 21.32
C VAL D 145 -23.28 -20.31 21.89
N ASN D 146 -22.36 -21.21 21.49
CA ASN D 146 -22.40 -22.63 21.83
C ASN D 146 -21.55 -23.11 23.02
N GLY D 147 -20.86 -22.19 23.67
CA GLY D 147 -19.98 -22.54 24.76
C GLY D 147 -18.73 -23.19 24.20
N CYS D 148 -17.97 -23.86 25.08
CA CYS D 148 -16.74 -24.53 24.70
C CYS D 148 -16.94 -25.94 24.22
N PRO D 149 -16.01 -26.44 23.35
CA PRO D 149 -16.02 -27.87 23.01
C PRO D 149 -15.92 -28.68 24.33
N LEU D 150 -16.61 -29.84 24.39
CA LEU D 150 -16.62 -30.71 25.58
C LEU D 150 -15.20 -31.02 26.08
N SER D 151 -14.24 -31.22 25.14
CA SER D 151 -12.83 -31.53 25.43
C SER D 151 -12.07 -30.38 26.09
N GLU D 152 -12.61 -29.14 26.02
CA GLU D 152 -12.02 -27.93 26.62
C GLU D 152 -12.57 -27.68 28.05
N ARG D 153 -13.59 -28.46 28.47
CA ARG D 153 -14.25 -28.38 29.79
C ARG D 153 -13.93 -29.61 30.62
N PRO E 92 -0.54 -17.80 -4.61
CA PRO E 92 -0.86 -17.25 -3.29
C PRO E 92 -1.17 -15.76 -3.38
N CYS E 93 -0.42 -15.07 -4.26
CA CYS E 93 -0.53 -13.65 -4.56
C CYS E 93 -1.84 -13.33 -5.24
N ASN E 94 -2.36 -14.29 -6.04
CA ASN E 94 -3.61 -14.22 -6.82
C ASN E 94 -4.81 -13.80 -6.00
N TYR E 95 -5.58 -12.86 -6.54
CA TYR E 95 -6.78 -12.27 -5.93
C TYR E 95 -7.84 -13.34 -5.63
N PRO E 112 -16.05 -13.56 -7.38
CA PRO E 112 -15.80 -12.11 -7.48
C PRO E 112 -16.36 -11.49 -8.76
N SER E 113 -16.97 -10.29 -8.64
CA SER E 113 -17.52 -9.58 -9.79
C SER E 113 -16.58 -8.48 -10.30
N TYR E 114 -16.56 -8.29 -11.63
CA TYR E 114 -15.69 -7.35 -12.33
C TYR E 114 -16.35 -6.09 -12.86
N LEU E 115 -15.65 -4.97 -12.67
CA LEU E 115 -16.03 -3.65 -13.15
C LEU E 115 -15.09 -3.30 -14.31
N PHE E 116 -15.62 -2.67 -15.36
CA PHE E 116 -14.86 -2.32 -16.55
C PHE E 116 -14.82 -0.81 -16.83
N CYS E 117 -13.64 -0.31 -17.21
CA CYS E 117 -13.46 1.08 -17.58
C CYS E 117 -12.81 1.19 -18.95
N GLY E 118 -13.27 2.14 -19.76
CA GLY E 118 -12.76 2.38 -21.10
C GLY E 118 -12.61 3.82 -21.50
N LEU E 119 -11.59 4.14 -22.30
CA LEU E 119 -11.28 5.48 -22.82
C LEU E 119 -10.82 5.29 -24.24
N PHE E 120 -11.47 5.96 -25.17
CA PHE E 120 -11.20 5.81 -26.61
C PHE E 120 -11.67 7.02 -27.38
N GLY E 121 -11.24 7.11 -28.63
CA GLY E 121 -11.63 8.18 -29.56
C GLY E 121 -12.85 7.82 -30.44
N ASP E 122 -13.42 8.66 -31.28
CA ASP E 122 -13.77 10.07 -31.48
C ASP E 122 -14.86 10.16 -32.54
N PRO F 1 -12.02 12.74 -24.78
CA PRO F 1 -12.41 11.51 -25.51
C PRO F 1 -13.66 10.88 -24.95
N HIS F 2 -14.04 9.70 -25.47
CA HIS F 2 -15.22 9.00 -24.92
C HIS F 2 -14.79 8.18 -23.72
N LEU F 3 -15.60 8.18 -22.65
CA LEU F 3 -15.32 7.42 -21.44
C LEU F 3 -16.49 6.50 -21.09
N ARG F 4 -16.20 5.26 -20.70
CA ARG F 4 -17.18 4.30 -20.21
C ARG F 4 -16.72 4.01 -18.79
N THR F 5 -17.50 4.44 -17.78
CA THR F 5 -17.12 4.29 -16.35
C THR F 5 -17.41 2.90 -15.79
N PHE F 6 -16.84 2.61 -14.59
CA PHE F 6 -17.05 1.37 -13.86
C PHE F 6 -18.55 1.21 -13.58
N LYS F 7 -19.29 2.35 -13.56
CA LYS F 7 -20.74 2.41 -13.30
C LYS F 7 -21.57 2.38 -14.60
N ASP F 8 -20.90 2.07 -15.74
CA ASP F 8 -21.51 1.96 -17.08
C ASP F 8 -22.20 3.20 -17.62
N ASN F 9 -21.77 4.39 -17.16
CA ASN F 9 -22.25 5.65 -17.69
C ASN F 9 -21.28 5.94 -18.84
N PHE F 10 -21.80 6.31 -20.02
CA PHE F 10 -20.95 6.65 -21.17
C PHE F 10 -20.97 8.15 -21.25
N GLN F 11 -19.76 8.75 -21.36
CA GLN F 11 -19.58 10.20 -21.43
C GLN F 11 -18.57 10.66 -22.50
N THR F 12 -18.81 11.87 -23.03
CA THR F 12 -17.86 12.52 -23.91
C THR F 12 -17.31 13.69 -23.16
N CYS F 13 -16.01 13.59 -22.83
CA CYS F 13 -15.28 14.54 -22.02
C CYS F 13 -14.18 15.18 -22.80
N LYS F 14 -13.90 16.46 -22.49
CA LYS F 14 -12.80 17.22 -23.06
C LYS F 14 -11.53 16.83 -22.25
N VAL F 15 -11.57 16.99 -20.93
CA VAL F 15 -10.45 16.60 -20.03
C VAL F 15 -9.02 16.77 -20.68
N GLU F 16 -8.74 17.99 -21.11
CA GLU F 16 -7.47 18.33 -21.75
C GLU F 16 -6.35 18.31 -20.72
N GLY F 17 -5.19 17.80 -21.14
CA GLY F 17 -4.01 17.67 -20.29
C GLY F 17 -4.00 16.36 -19.54
N ALA F 18 -3.29 16.32 -18.40
CA ALA F 18 -3.15 15.13 -17.56
C ALA F 18 -4.33 14.98 -16.60
N TRP F 19 -4.97 13.78 -16.62
CA TRP F 19 -6.13 13.46 -15.80
C TRP F 19 -6.08 12.06 -15.19
N PRO F 20 -6.46 11.89 -13.90
CA PRO F 20 -6.50 10.53 -13.34
C PRO F 20 -7.77 9.74 -13.72
N LEU F 21 -7.56 8.55 -14.29
CA LEU F 21 -8.67 7.65 -14.57
C LEU F 21 -8.89 6.85 -13.32
N ILE F 22 -7.80 6.34 -12.74
CA ILE F 22 -7.79 5.55 -11.51
C ILE F 22 -6.72 6.13 -10.59
N ASP F 23 -7.08 6.24 -9.32
CA ASP F 23 -6.22 6.76 -8.27
C ASP F 23 -6.71 6.10 -6.98
N ASN F 24 -6.33 4.84 -6.79
CA ASN F 24 -6.79 4.10 -5.62
C ASN F 24 -5.63 3.48 -4.84
N ASN F 25 -5.94 2.59 -3.87
CA ASN F 25 -4.93 1.98 -3.02
C ASN F 25 -3.94 1.05 -3.70
N TYR F 26 -4.30 0.55 -4.90
CA TYR F 26 -3.54 -0.46 -5.64
C TYR F 26 -2.99 0.00 -6.97
N LEU F 27 -3.60 0.99 -7.57
CA LEU F 27 -3.27 1.36 -8.92
C LEU F 27 -3.47 2.83 -9.22
N SER F 28 -2.59 3.38 -10.06
CA SER F 28 -2.72 4.72 -10.59
C SER F 28 -2.77 4.60 -12.11
N VAL F 29 -3.81 5.13 -12.75
CA VAL F 29 -3.94 5.19 -14.21
C VAL F 29 -4.06 6.68 -14.60
N GLN F 30 -3.05 7.22 -15.30
CA GLN F 30 -3.01 8.64 -15.67
C GLN F 30 -2.94 8.80 -17.17
N VAL F 31 -3.81 9.67 -17.74
CA VAL F 31 -3.82 9.91 -19.18
C VAL F 31 -3.60 11.37 -19.54
N THR F 32 -3.02 11.62 -20.73
CA THR F 32 -2.87 12.93 -21.32
C THR F 32 -3.73 12.97 -22.58
N ASN F 33 -4.61 13.98 -22.65
CA ASN F 33 -5.52 14.20 -23.76
C ASN F 33 -5.21 15.52 -24.42
N VAL F 34 -5.27 15.51 -25.75
CA VAL F 34 -4.93 16.64 -26.59
C VAL F 34 -6.11 16.97 -27.55
N PRO F 35 -6.45 18.27 -27.75
CA PRO F 35 -7.49 18.60 -28.74
C PRO F 35 -7.05 18.06 -30.10
N VAL F 36 -7.98 17.44 -30.83
CA VAL F 36 -7.75 16.80 -32.13
C VAL F 36 -7.17 17.81 -33.17
N VAL F 37 -7.64 19.06 -33.09
CA VAL F 37 -7.17 20.25 -33.81
C VAL F 37 -7.17 21.38 -32.76
N PRO F 38 -6.33 22.44 -32.89
CA PRO F 38 -6.36 23.53 -31.90
C PRO F 38 -7.75 24.19 -31.76
N GLY F 39 -8.15 24.45 -30.51
CA GLY F 39 -9.42 25.06 -30.17
C GLY F 39 -10.62 24.12 -30.15
N SER F 40 -10.41 22.84 -30.51
CA SER F 40 -11.48 21.83 -30.52
C SER F 40 -11.82 21.36 -29.10
N SER F 41 -13.11 21.09 -28.86
CA SER F 41 -13.55 20.53 -27.58
C SER F 41 -13.39 18.98 -27.63
N ALA F 42 -13.22 18.40 -28.85
CA ALA F 42 -12.98 16.98 -29.07
C ALA F 42 -11.51 16.70 -28.79
N THR F 43 -11.26 15.83 -27.80
CA THR F 43 -9.90 15.51 -27.40
C THR F 43 -9.64 14.02 -27.52
N ALA F 44 -8.36 13.64 -27.60
CA ALA F 44 -7.93 12.25 -27.74
C ALA F 44 -6.63 12.03 -26.98
N THR F 45 -6.38 10.76 -26.63
CA THR F 45 -5.28 10.30 -25.80
C THR F 45 -3.90 10.12 -26.49
N ASN F 46 -2.88 10.82 -26.01
CA ASN F 46 -1.53 10.65 -26.56
C ASN F 46 -0.56 10.02 -25.55
N LYS F 47 -0.98 9.82 -24.28
CA LYS F 47 -0.12 9.21 -23.26
C LYS F 47 -0.94 8.43 -22.23
N ILE F 48 -0.48 7.23 -21.90
CA ILE F 48 -1.10 6.38 -20.89
C ILE F 48 -0.01 5.98 -19.89
N THR F 49 -0.18 6.37 -18.62
CA THR F 49 0.72 5.96 -17.55
C THR F 49 -0.02 5.07 -16.57
N ILE F 50 0.54 3.90 -16.25
CA ILE F 50 -0.01 2.97 -15.26
C ILE F 50 1.02 2.73 -14.19
N ILE F 51 0.65 2.99 -12.91
CA ILE F 51 1.49 2.71 -11.77
C ILE F 51 0.89 1.53 -10.99
N PHE F 52 1.56 0.39 -11.03
CA PHE F 52 1.22 -0.78 -10.24
C PHE F 52 2.00 -0.60 -8.96
N LYS F 53 1.35 -0.08 -7.91
CA LYS F 53 1.93 0.17 -6.59
C LYS F 53 2.55 -1.09 -5.98
N ALA F 54 3.62 -0.94 -5.17
CA ALA F 54 4.29 -2.08 -4.55
C ALA F 54 3.34 -2.90 -3.70
N HIS F 55 3.32 -4.22 -3.95
CA HIS F 55 2.49 -5.17 -3.23
C HIS F 55 3.39 -6.22 -2.63
N HIS F 56 3.79 -5.99 -1.36
CA HIS F 56 4.71 -6.85 -0.61
C HIS F 56 4.51 -8.35 -0.84
N GLY F 57 5.59 -9.00 -1.28
CA GLY F 57 5.61 -10.43 -1.59
C GLY F 57 5.11 -10.82 -2.97
N CYS F 58 4.61 -9.86 -3.77
CA CYS F 58 4.07 -10.11 -5.09
C CYS F 58 4.75 -9.34 -6.20
N THR F 59 4.87 -8.02 -6.00
CA THR F 59 5.53 -7.14 -6.96
C THR F 59 6.14 -5.93 -6.28
N ASP F 60 7.22 -5.43 -6.87
CA ASP F 60 7.83 -4.16 -6.48
C ASP F 60 7.00 -3.17 -7.34
N GLN F 61 7.15 -1.87 -7.13
CA GLN F 61 6.41 -0.90 -7.91
C GLN F 61 6.86 -0.93 -9.37
N LYS F 62 5.89 -1.02 -10.28
CA LYS F 62 6.17 -1.00 -11.71
C LYS F 62 5.39 0.11 -12.38
N VAL F 63 6.02 0.75 -13.35
CA VAL F 63 5.41 1.82 -14.12
C VAL F 63 5.43 1.43 -15.59
N TYR F 64 4.25 1.52 -16.22
CA TYR F 64 4.09 1.32 -17.64
C TYR F 64 3.76 2.66 -18.26
N GLN F 65 4.37 2.96 -19.39
CA GLN F 65 4.02 4.15 -20.13
C GLN F 65 4.05 3.92 -21.62
N ALA F 66 2.93 4.22 -22.28
CA ALA F 66 2.81 4.20 -23.74
C ALA F 66 2.49 5.64 -24.19
N VAL F 67 2.98 6.02 -25.37
CA VAL F 67 2.71 7.31 -25.99
C VAL F 67 2.39 7.01 -27.45
N THR F 68 1.85 7.99 -28.19
CA THR F 68 1.60 7.86 -29.63
C THR F 68 2.94 7.49 -30.31
N ASP F 69 2.93 6.39 -31.08
CA ASP F 69 4.05 5.80 -31.85
C ASP F 69 5.10 5.10 -30.98
N ASP F 70 4.78 4.86 -29.69
CA ASP F 70 5.64 4.14 -28.77
C ASP F 70 4.83 3.37 -27.76
N LEU F 71 4.53 2.11 -28.11
CA LEU F 71 3.81 1.13 -27.29
C LEU F 71 4.76 -0.04 -26.96
N PRO F 72 5.62 0.12 -25.93
CA PRO F 72 6.53 -0.99 -25.58
C PRO F 72 5.83 -2.17 -24.93
N ALA F 73 6.51 -3.32 -24.87
CA ALA F 73 5.97 -4.52 -24.24
C ALA F 73 6.73 -4.74 -22.92
N ALA F 74 7.02 -3.64 -22.22
CA ALA F 74 7.80 -3.62 -20.98
C ALA F 74 7.53 -2.38 -20.15
N PHE F 75 7.85 -2.47 -18.85
CA PHE F 75 7.77 -1.36 -17.90
C PHE F 75 8.94 -0.41 -18.20
N VAL F 76 8.90 0.83 -17.72
CA VAL F 76 9.92 1.85 -17.96
C VAL F 76 11.37 1.42 -17.62
N ASP F 77 11.54 0.43 -16.71
CA ASP F 77 12.85 -0.11 -16.30
C ASP F 77 13.33 -1.27 -17.20
N GLY F 78 12.59 -1.52 -18.28
CA GLY F 78 12.89 -2.56 -19.26
C GLY F 78 12.44 -3.97 -18.90
N THR F 79 11.81 -4.14 -17.72
CA THR F 79 11.29 -5.41 -17.20
C THR F 79 9.92 -5.69 -17.80
N THR F 80 9.55 -6.96 -17.87
CA THR F 80 8.31 -7.49 -18.44
C THR F 80 7.48 -8.20 -17.36
N SER F 81 8.00 -8.23 -16.11
CA SER F 81 7.36 -8.83 -14.95
C SER F 81 7.77 -8.16 -13.64
N GLY F 82 6.87 -8.18 -12.67
CA GLY F 82 7.08 -7.62 -11.34
C GLY F 82 7.92 -8.52 -10.47
N GLY F 83 8.64 -7.91 -9.52
CA GLY F 83 9.50 -8.60 -8.56
C GLY F 83 10.59 -9.44 -9.21
N ASP F 84 10.85 -10.64 -8.64
CA ASP F 84 11.85 -11.63 -9.06
C ASP F 84 11.58 -12.22 -10.48
N SER F 85 12.44 -13.16 -10.91
CA SER F 85 12.29 -13.87 -12.18
C SER F 85 11.15 -14.90 -12.02
N ASP F 86 11.03 -15.48 -10.81
CA ASP F 86 10.00 -16.46 -10.43
C ASP F 86 8.62 -15.82 -10.24
N ALA F 87 8.58 -14.51 -9.87
CA ALA F 87 7.35 -13.76 -9.62
C ALA F 87 6.65 -13.36 -10.90
N LYS F 88 5.50 -14.00 -11.18
CA LYS F 88 4.69 -13.73 -12.38
C LYS F 88 3.27 -13.20 -12.06
N SER F 89 3.07 -12.71 -10.81
CA SER F 89 1.82 -12.08 -10.31
C SER F 89 1.54 -10.82 -11.14
N LEU F 90 2.59 -10.16 -11.66
CA LEU F 90 2.50 -9.01 -12.56
C LEU F 90 3.33 -9.24 -13.83
N ARG F 91 2.68 -9.21 -15.01
CA ARG F 91 3.36 -9.42 -16.28
C ARG F 91 2.78 -8.61 -17.43
N ILE F 92 3.58 -8.41 -18.50
CA ILE F 92 3.19 -7.71 -19.76
C ILE F 92 3.39 -8.63 -20.95
N VAL F 93 2.38 -8.71 -21.82
CA VAL F 93 2.41 -9.51 -23.06
C VAL F 93 1.99 -8.69 -24.27
N GLU F 94 2.68 -8.91 -25.41
CA GLU F 94 2.42 -8.24 -26.69
C GLU F 94 1.62 -9.12 -27.62
N TYR F 100 -2.71 -5.03 -29.39
CA TYR F 100 -2.79 -4.74 -27.96
C TYR F 100 -1.58 -5.21 -27.16
N VAL F 101 -1.18 -4.42 -26.17
CA VAL F 101 -0.19 -4.86 -25.19
C VAL F 101 -1.06 -5.05 -23.94
N GLU F 102 -0.84 -6.14 -23.21
CA GLU F 102 -1.67 -6.37 -22.04
C GLU F 102 -0.91 -6.53 -20.73
N MET F 103 -1.47 -5.99 -19.66
CA MET F 103 -0.89 -6.10 -18.33
C MET F 103 -1.79 -6.95 -17.46
N HIS F 104 -1.23 -8.02 -16.93
CA HIS F 104 -1.96 -8.94 -16.08
C HIS F 104 -1.44 -8.81 -14.67
N ALA F 105 -2.21 -8.14 -13.81
CA ALA F 105 -1.91 -7.95 -12.40
C ALA F 105 -2.82 -8.91 -11.64
N ARG F 106 -2.50 -10.22 -11.72
CA ARG F 106 -3.22 -11.34 -11.09
C ARG F 106 -3.45 -11.13 -9.60
N TYR F 107 -2.41 -10.59 -8.92
CA TYR F 107 -2.42 -10.30 -7.49
C TYR F 107 -3.58 -9.38 -7.02
N ILE F 108 -4.07 -8.50 -7.93
CA ILE F 108 -5.21 -7.61 -7.72
C ILE F 108 -6.37 -7.89 -8.71
N GLY F 109 -6.39 -9.10 -9.32
CA GLY F 109 -7.38 -9.54 -10.31
C GLY F 109 -7.70 -8.51 -11.38
N THR F 110 -6.66 -7.74 -11.80
CA THR F 110 -6.76 -6.62 -12.72
C THR F 110 -6.08 -6.85 -14.06
N THR F 111 -6.78 -6.50 -15.14
CA THR F 111 -6.25 -6.54 -16.50
C THR F 111 -6.33 -5.14 -17.12
N VAL F 112 -5.29 -4.76 -17.86
CA VAL F 112 -5.21 -3.45 -18.53
C VAL F 112 -4.78 -3.70 -19.97
N PHE F 113 -5.65 -3.34 -20.95
CA PHE F 113 -5.33 -3.48 -22.38
C PHE F 113 -5.06 -2.10 -22.97
N VAL F 114 -3.95 -1.95 -23.70
CA VAL F 114 -3.59 -0.67 -24.32
C VAL F 114 -3.30 -0.90 -25.80
N ARG F 115 -3.87 -0.05 -26.65
CA ARG F 115 -3.60 -0.08 -28.09
C ARG F 115 -3.63 1.30 -28.72
N GLN F 116 -3.00 1.42 -29.90
CA GLN F 116 -2.98 2.66 -30.65
C GLN F 116 -3.92 2.48 -31.83
N VAL F 117 -4.98 3.29 -31.89
CA VAL F 117 -5.94 3.33 -32.99
C VAL F 117 -5.69 4.67 -33.67
N GLY F 118 -5.05 4.60 -34.84
CA GLY F 118 -4.66 5.75 -35.62
C GLY F 118 -3.58 6.58 -34.95
N ARG F 119 -3.89 7.86 -34.65
CA ARG F 119 -2.91 8.74 -34.01
C ARG F 119 -3.06 8.78 -32.52
N TYR F 120 -3.99 8.00 -31.98
CA TYR F 120 -4.30 8.04 -30.56
C TYR F 120 -4.37 6.72 -29.87
N LEU F 121 -4.39 6.76 -28.52
CA LEU F 121 -4.40 5.57 -27.68
C LEU F 121 -5.74 5.23 -27.05
N THR F 122 -6.05 3.93 -26.97
CA THR F 122 -7.25 3.43 -26.31
C THR F 122 -6.86 2.57 -25.11
N LEU F 123 -7.77 2.48 -24.14
CA LEU F 123 -7.55 1.80 -22.88
C LEU F 123 -8.80 1.07 -22.40
N ALA F 124 -8.62 -0.17 -21.92
CA ALA F 124 -9.67 -1.03 -21.35
C ALA F 124 -9.09 -1.59 -20.04
N ILE F 125 -9.86 -1.46 -18.94
CA ILE F 125 -9.50 -1.92 -17.59
C ILE F 125 -10.60 -2.81 -17.00
N ARG F 126 -10.20 -3.99 -16.53
CA ARG F 126 -11.09 -4.93 -15.85
C ARG F 126 -10.52 -5.02 -14.44
N MET F 127 -11.34 -4.68 -13.43
CA MET F 127 -10.91 -4.65 -12.04
C MET F 127 -11.99 -5.20 -11.09
N PRO F 128 -11.63 -5.96 -10.02
CA PRO F 128 -12.65 -6.45 -9.08
C PRO F 128 -13.31 -5.28 -8.34
N GLU F 129 -14.65 -5.29 -8.26
CA GLU F 129 -15.47 -4.24 -7.64
C GLU F 129 -14.97 -3.72 -6.28
N ASP F 130 -14.60 -4.63 -5.36
CA ASP F 130 -14.12 -4.25 -4.02
C ASP F 130 -12.78 -3.52 -4.05
N LEU F 131 -11.95 -3.83 -5.06
CA LEU F 131 -10.64 -3.21 -5.25
C LEU F 131 -10.78 -1.89 -6.00
N ALA F 132 -11.65 -1.86 -7.04
CA ALA F 132 -11.98 -0.67 -7.81
C ALA F 132 -12.57 0.44 -6.92
N MET F 133 -13.37 0.08 -5.88
CA MET F 133 -13.99 1.04 -4.96
C MET F 133 -13.19 1.24 -3.65
N SER F 134 -11.96 0.67 -3.57
CA SER F 134 -11.08 0.78 -2.39
C SER F 134 -10.09 1.95 -2.58
N TYR F 135 -10.50 3.12 -2.09
CA TYR F 135 -9.74 4.37 -2.15
C TYR F 135 -10.07 5.32 -0.99
N GLU F 136 -9.12 6.20 -0.62
CA GLU F 136 -9.28 7.17 0.46
C GLU F 136 -10.09 8.40 0.03
N GLU F 137 -10.70 9.09 1.02
CA GLU F 137 -11.58 10.27 0.82
C GLU F 137 -11.05 11.33 -0.15
N SER F 138 -9.74 11.65 -0.06
CA SER F 138 -9.06 12.63 -0.90
C SER F 138 -8.87 12.19 -2.38
N GLN F 139 -9.04 10.89 -2.67
CA GLN F 139 -8.91 10.35 -4.02
C GLN F 139 -10.24 10.47 -4.80
N ASP F 140 -10.90 11.64 -4.70
CA ASP F 140 -12.21 11.90 -5.30
C ASP F 140 -12.27 12.23 -6.79
N LEU F 141 -11.09 12.45 -7.43
CA LEU F 141 -11.00 12.67 -8.88
C LEU F 141 -10.48 11.36 -9.51
N GLN F 142 -11.41 10.58 -10.08
CA GLN F 142 -11.16 9.29 -10.72
C GLN F 142 -12.21 9.10 -11.80
N LEU F 143 -11.88 9.50 -13.03
CA LEU F 143 -12.80 9.42 -14.18
C LEU F 143 -13.51 8.05 -14.32
N CYS F 144 -12.83 6.93 -14.02
CA CYS F 144 -13.39 5.58 -14.06
C CYS F 144 -14.46 5.32 -12.98
N VAL F 145 -14.34 6.00 -11.83
CA VAL F 145 -15.31 5.80 -10.76
C VAL F 145 -16.50 6.78 -10.96
N ASN F 146 -16.26 8.09 -10.87
CA ASN F 146 -17.28 9.15 -10.90
C ASN F 146 -17.53 9.85 -12.24
N GLY F 147 -16.82 9.44 -13.27
CA GLY F 147 -16.95 10.08 -14.56
C GLY F 147 -16.25 11.41 -14.53
N CYS F 148 -16.53 12.26 -15.52
CA CYS F 148 -15.94 13.59 -15.62
C CYS F 148 -16.68 14.65 -14.88
N PRO F 149 -15.96 15.73 -14.44
CA PRO F 149 -16.67 16.90 -13.89
C PRO F 149 -17.68 17.40 -14.95
N LEU F 150 -18.84 17.89 -14.50
CA LEU F 150 -19.91 18.40 -15.38
C LEU F 150 -19.38 19.42 -16.41
N SER F 151 -18.43 20.29 -15.99
CA SER F 151 -17.80 21.33 -16.80
C SER F 151 -16.93 20.77 -17.94
N GLU F 152 -16.51 19.49 -17.83
CA GLU F 152 -15.69 18.80 -18.84
C GLU F 152 -16.56 18.05 -19.89
N ARG F 153 -17.88 18.01 -19.66
CA ARG F 153 -18.88 17.35 -20.53
C ARG F 153 -19.78 18.38 -21.19
#